data_7LFR
#
_entry.id   7LFR
#
_cell.length_a   77.593
_cell.length_b   87.206
_cell.length_c   198.013
_cell.angle_alpha   90.000
_cell.angle_beta   90.000
_cell.angle_gamma   90.000
#
_symmetry.space_group_name_H-M   'P 21 21 21'
#
loop_
_entity.id
_entity.type
_entity.pdbx_description
1 polymer 'Epidermal growth factor receptor'
2 polymer Proepiregulin
3 branched beta-D-mannopyranose-(1-4)-2-acetamido-2-deoxy-beta-D-glucopyranose
4 non-polymer 2-acetamido-2-deoxy-beta-D-glucopyranose
5 non-polymer alpha-D-mannopyranose
6 non-polymer beta-D-mannopyranose
#
loop_
_entity_poly.entity_id
_entity_poly.type
_entity_poly.pdbx_seq_one_letter_code
_entity_poly.pdbx_strand_id
1 'polypeptide(L)'
;LEEKKVCQGTSNKLTQLGTFEDHFLSLQRMFNNCEVVLGNLEITYVQRNYDLSFLKTIQEVAGYVLIALNTVERIPLENL
QIIKGNMYYENSYALAVLSNYDANKTGLKELPMRNLQEILHGAVRFSNNPALCNVESIQWRDIVSSDFLSNMSMDFQNHL
GSCQKCDPSCPNGSCWGAGEENCQKLTKIICAQQCSGRCRGKSPSDCCHNQCAAGCTGPRESDCLVCRKFRDEATCKDTC
PPLMLYNPTTYQMDVNPEGKYSFGATCVKKCPRNYVVTDHGSCVRACGADSYEMEEDGVRKCKKCEGPCRKVCNGIGIGE
FKDSLSINATNIKHFKNCTSISGDLHILPVAFRGDSFTHTPPLDPQELDILKTVKEITGFLLIQAWPENRTDLHAFENLE
IIRGRTKQHGQFSLAVVSLNITSLGLRSLKEISDGDVIISGNKNLCYANTINWKKLFGTSGQKTKIISNRGENSCKATGQ
VCHALCSPEGCWGPEPRDCVSH
;
A,B
2 'polypeptide(L)' VSITKCSSDMNGYCLHGQCIYLVDMSQNYCRCEVGYTGVRCEHFFLTV C,D
#
loop_
_chem_comp.id
_chem_comp.type
_chem_comp.name
_chem_comp.formula
BMA D-saccharide, beta linking beta-D-mannopyranose 'C6 H12 O6'
MAN D-saccharide, alpha linking alpha-D-mannopyranose 'C6 H12 O6'
NAG D-saccharide, beta linking 2-acetamido-2-deoxy-beta-D-glucopyranose 'C8 H15 N O6'
#
# COMPACT_ATOMS: atom_id res chain seq x y z
N GLU A 3 -4.82 -21.70 5.76
CA GLU A 3 -4.69 -23.14 5.63
C GLU A 3 -4.81 -23.84 6.98
N LYS A 4 -4.47 -23.12 8.05
CA LYS A 4 -4.48 -23.72 9.37
C LYS A 4 -5.91 -23.86 9.88
N LYS A 5 -6.17 -24.95 10.60
CA LYS A 5 -7.48 -25.17 11.19
C LYS A 5 -7.85 -24.00 12.11
N VAL A 6 -9.15 -23.76 12.23
CA VAL A 6 -9.65 -22.50 12.79
C VAL A 6 -10.82 -22.78 13.72
N CYS A 7 -10.81 -22.13 14.89
CA CYS A 7 -11.95 -22.10 15.80
C CYS A 7 -12.18 -20.67 16.25
N GLN A 8 -13.44 -20.36 16.56
CA GLN A 8 -13.82 -19.00 16.91
C GLN A 8 -13.28 -18.61 18.28
N GLY A 9 -13.73 -19.30 19.33
CA GLY A 9 -13.39 -18.96 20.69
C GLY A 9 -14.64 -18.66 21.51
N THR A 10 -14.41 -18.36 22.79
CA THR A 10 -15.49 -18.06 23.71
C THR A 10 -15.19 -16.77 24.45
N SER A 11 -16.25 -16.02 24.75
CA SER A 11 -16.17 -14.81 25.56
C SER A 11 -17.10 -14.87 26.77
N ASN A 12 -17.47 -16.08 27.21
CA ASN A 12 -18.33 -16.23 28.37
C ASN A 12 -17.64 -15.82 29.67
N LYS A 13 -16.33 -15.62 29.65
CA LYS A 13 -15.55 -15.18 30.82
C LYS A 13 -15.71 -16.24 31.91
N LEU A 14 -15.94 -15.84 33.17
CA LEU A 14 -16.08 -16.76 34.29
C LEU A 14 -17.47 -17.35 34.38
N THR A 15 -18.30 -17.20 33.36
CA THR A 15 -19.64 -17.76 33.36
C THR A 15 -19.61 -19.25 33.00
N GLN A 16 -20.39 -20.02 33.73
CA GLN A 16 -20.55 -21.45 33.52
C GLN A 16 -21.80 -21.78 32.70
N LEU A 17 -21.73 -22.90 31.97
CA LEU A 17 -22.87 -23.44 31.23
C LEU A 17 -23.21 -24.83 31.80
N GLY A 18 -24.27 -24.92 32.60
CA GLY A 18 -24.79 -26.21 33.06
C GLY A 18 -23.93 -26.90 34.11
N THR A 19 -24.31 -28.15 34.40
CA THR A 19 -23.49 -29.02 35.24
C THR A 19 -22.11 -29.14 34.61
N PHE A 20 -21.08 -29.28 35.47
CA PHE A 20 -19.74 -28.99 35.02
C PHE A 20 -19.36 -29.86 33.85
N GLU A 21 -19.99 -31.05 33.79
CA GLU A 21 -20.03 -31.92 32.63
C GLU A 21 -20.31 -31.16 31.34
N ASP A 22 -21.47 -30.50 31.27
CA ASP A 22 -21.87 -29.79 30.06
C ASP A 22 -20.85 -28.73 29.69
N HIS A 23 -20.30 -28.04 30.69
CA HIS A 23 -19.25 -27.06 30.46
C HIS A 23 -18.06 -27.71 29.76
N PHE A 24 -17.57 -28.83 30.31
CA PHE A 24 -16.45 -29.54 29.69
C PHE A 24 -16.80 -29.96 28.26
N LEU A 25 -18.02 -30.46 28.05
CA LEU A 25 -18.43 -30.87 26.70
C LEU A 25 -18.39 -29.70 25.73
N SER A 26 -18.81 -28.51 26.18
CA SER A 26 -18.78 -27.34 25.31
C SER A 26 -17.35 -26.93 24.99
N LEU A 27 -16.47 -26.91 26.00
CA LEU A 27 -15.06 -26.59 25.74
C LEU A 27 -14.44 -27.57 24.74
N GLN A 28 -14.63 -28.87 24.96
CA GLN A 28 -14.12 -29.87 24.04
C GLN A 28 -14.67 -29.66 22.64
N ARG A 29 -15.99 -29.45 22.54
CA ARG A 29 -16.62 -29.30 21.23
C ARG A 29 -16.05 -28.09 20.49
N MET A 30 -15.81 -26.99 21.20
CA MET A 30 -15.34 -25.79 20.51
C MET A 30 -13.88 -25.89 20.11
N PHE A 31 -13.00 -26.25 21.05
CA PHE A 31 -11.57 -26.21 20.80
C PHE A 31 -10.99 -27.55 20.38
N ASN A 32 -11.84 -28.48 19.92
CA ASN A 32 -11.33 -29.73 19.36
C ASN A 32 -10.72 -29.47 17.99
N ASN A 33 -9.51 -29.99 17.78
CA ASN A 33 -8.81 -29.89 16.50
C ASN A 33 -8.64 -28.44 16.07
N CYS A 34 -8.61 -27.52 17.03
CA CYS A 34 -8.39 -26.11 16.75
C CYS A 34 -6.93 -25.76 16.99
N GLU A 35 -6.36 -24.98 16.08
CA GLU A 35 -4.96 -24.58 16.17
C GLU A 35 -4.74 -23.07 16.01
N VAL A 36 -5.74 -22.33 15.54
CA VAL A 36 -5.74 -20.86 15.60
C VAL A 36 -7.07 -20.44 16.22
N VAL A 37 -7.01 -19.72 17.33
CA VAL A 37 -8.20 -19.27 18.05
C VAL A 37 -8.44 -17.82 17.68
N LEU A 38 -9.57 -17.56 17.01
CA LEU A 38 -9.85 -16.24 16.47
C LEU A 38 -10.37 -15.27 17.53
N GLY A 39 -10.84 -15.77 18.66
CA GLY A 39 -11.26 -14.91 19.75
C GLY A 39 -10.45 -15.15 21.00
N ASN A 40 -11.11 -15.56 22.07
CA ASN A 40 -10.46 -15.83 23.35
C ASN A 40 -10.51 -17.32 23.67
N LEU A 41 -9.43 -17.80 24.30
CA LEU A 41 -9.35 -19.15 24.82
C LEU A 41 -9.70 -19.12 26.30
N GLU A 42 -10.75 -19.83 26.69
CA GLU A 42 -11.28 -19.80 28.05
C GLU A 42 -11.35 -21.21 28.62
N ILE A 43 -10.39 -21.56 29.46
CA ILE A 43 -10.34 -22.83 30.16
C ILE A 43 -10.89 -22.58 31.56
N THR A 44 -12.18 -22.86 31.75
CA THR A 44 -12.83 -22.58 33.01
C THR A 44 -13.60 -23.81 33.50
N TYR A 45 -13.72 -23.92 34.82
CA TYR A 45 -14.58 -24.90 35.48
C TYR A 45 -14.26 -26.33 35.05
N VAL A 46 -12.98 -26.62 34.80
CA VAL A 46 -12.58 -27.94 34.32
C VAL A 46 -12.23 -28.80 35.54
N GLN A 47 -13.10 -29.77 35.84
CA GLN A 47 -12.92 -30.58 37.04
C GLN A 47 -11.87 -31.66 36.81
N ARG A 48 -11.38 -32.23 37.92
CA ARG A 48 -10.36 -33.25 37.87
C ARG A 48 -10.88 -34.52 37.19
N ASN A 49 -9.95 -35.40 36.84
CA ASN A 49 -10.23 -36.64 36.12
C ASN A 49 -10.80 -36.39 34.72
N TYR A 50 -10.59 -35.20 34.16
CA TYR A 50 -11.06 -34.87 32.83
C TYR A 50 -9.86 -34.57 31.94
N ASP A 51 -9.89 -35.12 30.72
CA ASP A 51 -8.74 -35.05 29.82
C ASP A 51 -8.81 -33.82 28.93
N LEU A 52 -7.73 -33.03 28.94
CA LEU A 52 -7.64 -31.82 28.11
C LEU A 52 -6.61 -32.00 27.00
N SER A 53 -6.65 -33.15 26.31
CA SER A 53 -5.64 -33.45 25.31
C SER A 53 -5.72 -32.49 24.12
N PHE A 54 -6.94 -32.15 23.69
CA PHE A 54 -7.11 -31.31 22.51
C PHE A 54 -6.42 -29.95 22.64
N LEU A 55 -6.24 -29.46 23.88
CA LEU A 55 -5.53 -28.20 24.09
C LEU A 55 -4.12 -28.21 23.48
N LYS A 56 -3.56 -29.39 23.23
CA LYS A 56 -2.24 -29.46 22.61
C LYS A 56 -2.21 -28.88 21.21
N THR A 57 -3.35 -28.86 20.51
CA THR A 57 -3.33 -28.41 19.11
C THR A 57 -3.19 -26.90 18.99
N ILE A 58 -3.62 -26.15 20.01
CA ILE A 58 -3.69 -24.70 19.92
C ILE A 58 -2.28 -24.13 19.83
N GLN A 59 -2.05 -23.30 18.82
CA GLN A 59 -0.77 -22.65 18.60
C GLN A 59 -0.84 -21.14 18.60
N GLU A 60 -2.02 -20.55 18.34
CA GLU A 60 -2.16 -19.11 18.20
C GLU A 60 -3.50 -18.68 18.78
N VAL A 61 -3.49 -17.58 19.52
CA VAL A 61 -4.70 -16.98 20.06
C VAL A 61 -4.67 -15.49 19.78
N ALA A 62 -5.75 -14.97 19.19
CA ALA A 62 -5.80 -13.56 18.84
C ALA A 62 -6.16 -12.69 20.04
N GLY A 63 -7.14 -13.11 20.84
CA GLY A 63 -7.58 -12.33 21.98
C GLY A 63 -6.82 -12.64 23.24
N TYR A 64 -7.53 -12.78 24.36
CA TYR A 64 -6.94 -13.13 25.64
C TYR A 64 -7.13 -14.62 25.92
N VAL A 65 -6.31 -15.13 26.84
CA VAL A 65 -6.43 -16.51 27.31
C VAL A 65 -6.65 -16.47 28.82
N LEU A 66 -7.77 -17.03 29.24
CA LEU A 66 -8.15 -17.11 30.64
C LEU A 66 -8.18 -18.57 31.05
N ILE A 67 -7.60 -18.88 32.20
CA ILE A 67 -7.57 -20.21 32.77
C ILE A 67 -7.95 -20.08 34.24
N ALA A 68 -9.18 -20.46 34.59
CA ALA A 68 -9.67 -20.17 35.92
C ALA A 68 -10.59 -21.28 36.42
N LEU A 69 -10.60 -21.45 37.75
CA LEU A 69 -11.54 -22.32 38.44
C LEU A 69 -11.44 -23.77 37.97
N ASN A 70 -10.22 -24.26 37.81
CA ASN A 70 -9.96 -25.60 37.29
C ASN A 70 -9.36 -26.46 38.39
N THR A 71 -10.09 -27.49 38.79
CA THR A 71 -9.54 -28.51 39.68
C THR A 71 -8.87 -29.64 38.92
N VAL A 72 -8.83 -29.57 37.59
CA VAL A 72 -8.07 -30.53 36.80
C VAL A 72 -6.59 -30.30 37.03
N GLU A 73 -5.81 -31.38 37.06
CA GLU A 73 -4.42 -31.26 37.46
C GLU A 73 -3.52 -30.71 36.36
N ARG A 74 -3.72 -31.16 35.11
CA ARG A 74 -2.84 -30.74 34.02
C ARG A 74 -3.64 -30.03 32.93
N ILE A 75 -3.01 -29.03 32.33
CA ILE A 75 -3.57 -28.25 31.22
C ILE A 75 -2.52 -28.18 30.13
N PRO A 76 -2.65 -28.97 29.06
CA PRO A 76 -1.55 -29.18 28.10
C PRO A 76 -1.55 -28.18 26.94
N LEU A 77 -1.34 -26.90 27.26
CA LEU A 77 -1.11 -25.88 26.22
C LEU A 77 0.38 -25.83 25.90
N GLU A 78 0.85 -26.89 25.27
CA GLU A 78 2.27 -27.11 25.09
C GLU A 78 2.84 -26.43 23.84
N ASN A 79 2.03 -26.30 22.79
CA ASN A 79 2.51 -25.73 21.53
C ASN A 79 1.90 -24.36 21.24
N LEU A 80 1.23 -23.75 22.20
CA LEU A 80 0.78 -22.37 22.03
C LEU A 80 1.99 -21.45 22.00
N GLN A 81 2.01 -20.55 21.01
CA GLN A 81 3.20 -19.77 20.73
C GLN A 81 2.99 -18.26 20.77
N ILE A 82 1.76 -17.77 20.77
CA ILE A 82 1.53 -16.33 20.69
C ILE A 82 0.17 -15.96 21.24
N ILE A 83 0.13 -14.89 22.03
CA ILE A 83 -1.10 -14.21 22.40
C ILE A 83 -1.05 -12.84 21.76
N LYS A 84 -1.96 -12.57 20.82
CA LYS A 84 -1.93 -11.29 20.13
C LYS A 84 -2.58 -10.18 20.94
N GLY A 85 -3.33 -10.51 21.99
CA GLY A 85 -3.91 -9.50 22.86
C GLY A 85 -4.82 -8.52 22.15
N ASN A 86 -5.49 -8.96 21.09
CA ASN A 86 -6.41 -8.09 20.37
C ASN A 86 -7.62 -7.70 21.21
N MET A 87 -7.85 -8.36 22.34
CA MET A 87 -8.81 -7.92 23.34
C MET A 87 -8.33 -8.40 24.70
N TYR A 88 -8.60 -7.60 25.72
CA TYR A 88 -8.03 -7.82 27.04
C TYR A 88 -9.05 -8.43 27.98
N TYR A 89 -8.54 -9.03 29.05
CA TYR A 89 -9.36 -9.43 30.19
C TYR A 89 -9.18 -8.42 31.31
N GLU A 90 -10.30 -7.87 31.79
CA GLU A 90 -10.29 -6.73 32.73
C GLU A 90 -9.53 -5.55 32.15
N ASN A 91 -9.54 -5.43 30.82
CA ASN A 91 -8.96 -4.30 30.09
C ASN A 91 -7.46 -4.17 30.30
N SER A 92 -6.76 -5.23 30.72
CA SER A 92 -5.34 -5.09 31.03
C SER A 92 -4.54 -6.37 30.84
N TYR A 93 -5.21 -7.53 30.88
CA TYR A 93 -4.51 -8.81 30.94
C TYR A 93 -4.78 -9.62 29.67
N ALA A 94 -3.70 -9.98 28.97
CA ALA A 94 -3.82 -10.82 27.79
C ALA A 94 -3.83 -12.31 28.14
N LEU A 95 -3.28 -12.67 29.30
CA LEU A 95 -3.38 -14.01 29.87
C LEU A 95 -3.67 -13.87 31.35
N ALA A 96 -4.44 -14.81 31.89
CA ALA A 96 -4.76 -14.75 33.31
C ALA A 96 -5.09 -16.16 33.80
N VAL A 97 -4.28 -16.67 34.73
CA VAL A 97 -4.49 -17.98 35.33
C VAL A 97 -4.83 -17.74 36.79
N LEU A 98 -6.11 -17.93 37.14
CA LEU A 98 -6.67 -17.41 38.37
C LEU A 98 -7.51 -18.46 39.08
N SER A 99 -7.28 -18.65 40.38
CA SER A 99 -8.19 -19.38 41.26
C SER A 99 -8.49 -20.79 40.75
N ASN A 100 -7.44 -21.51 40.37
CA ASN A 100 -7.57 -22.91 39.95
C ASN A 100 -7.23 -23.83 41.12
N TYR A 101 -8.17 -23.88 42.07
CA TYR A 101 -7.92 -24.55 43.33
C TYR A 101 -9.17 -25.27 43.81
N ASP A 102 -8.97 -26.12 44.82
CA ASP A 102 -9.95 -27.09 45.27
C ASP A 102 -10.30 -26.83 46.74
N ALA A 103 -11.26 -27.60 47.25
CA ALA A 103 -11.62 -27.51 48.66
C ALA A 103 -10.50 -28.04 49.55
N ASN A 104 -9.86 -29.14 49.14
CA ASN A 104 -8.70 -29.68 49.84
C ASN A 104 -7.39 -29.25 49.22
N LYS A 105 -7.39 -28.09 48.54
CA LYS A 105 -6.19 -27.51 47.93
C LYS A 105 -5.54 -28.49 46.94
N THR A 106 -6.38 -29.09 46.10
CA THR A 106 -5.94 -30.07 45.09
C THR A 106 -6.51 -29.64 43.73
N GLY A 107 -5.94 -28.59 43.16
CA GLY A 107 -6.39 -28.10 41.87
C GLY A 107 -5.37 -28.25 40.76
N LEU A 108 -5.27 -27.22 39.92
CA LEU A 108 -4.30 -27.21 38.83
C LEU A 108 -2.89 -27.41 39.35
N LYS A 109 -2.11 -28.23 38.64
CA LYS A 109 -0.77 -28.55 39.07
C LYS A 109 0.25 -28.32 37.97
N GLU A 110 -0.13 -28.58 36.71
CA GLU A 110 0.80 -28.56 35.59
C GLU A 110 0.27 -27.67 34.47
N LEU A 111 1.13 -26.79 33.97
CA LEU A 111 0.81 -25.92 32.84
C LEU A 111 2.03 -25.82 31.94
N PRO A 112 2.28 -26.85 31.12
CA PRO A 112 3.54 -26.93 30.34
C PRO A 112 3.51 -26.10 29.06
N MET A 113 3.46 -24.77 29.22
CA MET A 113 3.48 -23.86 28.07
C MET A 113 4.91 -23.60 27.62
N ARG A 114 5.57 -24.66 27.18
CA ARG A 114 6.99 -24.58 26.84
C ARG A 114 7.24 -23.76 25.57
N ASN A 115 6.23 -23.56 24.73
CA ASN A 115 6.43 -22.94 23.43
C ASN A 115 5.84 -21.54 23.31
N LEU A 116 5.35 -20.95 24.40
CA LEU A 116 4.91 -19.57 24.35
C LEU A 116 6.13 -18.66 24.41
N GLN A 117 6.26 -17.76 23.43
CA GLN A 117 7.39 -16.84 23.39
C GLN A 117 7.02 -15.37 23.31
N GLU A 118 5.83 -15.01 22.84
CA GLU A 118 5.50 -13.60 22.74
C GLU A 118 4.03 -13.34 23.06
N ILE A 119 3.78 -12.17 23.63
CA ILE A 119 2.45 -11.58 23.77
C ILE A 119 2.58 -10.15 23.28
N LEU A 120 2.08 -9.87 22.08
CA LEU A 120 2.28 -8.55 21.47
C LEU A 120 1.66 -7.44 22.33
N HIS A 121 0.40 -7.58 22.68
CA HIS A 121 -0.31 -6.55 23.45
C HIS A 121 -0.93 -7.17 24.69
N GLY A 122 -0.72 -6.52 25.83
CA GLY A 122 -1.29 -6.95 27.09
C GLY A 122 -0.22 -7.41 28.07
N ALA A 123 -0.68 -7.68 29.28
CA ALA A 123 0.12 -8.28 30.34
C ALA A 123 -0.59 -9.56 30.80
N VAL A 124 -0.03 -10.21 31.81
CA VAL A 124 -0.65 -11.41 32.37
C VAL A 124 -0.80 -11.20 33.86
N ARG A 125 -1.71 -11.96 34.47
CA ARG A 125 -1.87 -11.86 35.91
C ARG A 125 -2.06 -13.25 36.50
N PHE A 126 -1.38 -13.51 37.60
CA PHE A 126 -1.39 -14.78 38.30
C PHE A 126 -1.84 -14.56 39.72
N SER A 127 -2.85 -15.30 40.16
CA SER A 127 -3.29 -15.18 41.55
C SER A 127 -4.07 -16.43 41.94
N ASN A 128 -4.05 -16.74 43.24
CA ASN A 128 -4.73 -17.89 43.82
C ASN A 128 -4.42 -19.17 43.03
N ASN A 129 -3.12 -19.48 42.97
CA ASN A 129 -2.61 -20.68 42.30
C ASN A 129 -1.91 -21.53 43.34
N PRO A 130 -2.68 -22.26 44.16
CA PRO A 130 -2.09 -22.95 45.32
C PRO A 130 -1.33 -24.23 44.96
N ALA A 131 -1.83 -24.98 43.99
CA ALA A 131 -1.23 -26.25 43.61
C ALA A 131 -0.43 -26.18 42.32
N LEU A 132 -0.41 -25.03 41.64
CA LEU A 132 0.33 -24.91 40.39
C LEU A 132 1.83 -24.97 40.65
N CYS A 133 2.52 -25.84 39.91
CA CYS A 133 3.94 -26.08 40.12
C CYS A 133 4.79 -25.41 39.06
N ASN A 134 5.93 -24.88 39.49
CA ASN A 134 7.01 -24.35 38.67
C ASN A 134 6.62 -23.08 37.91
N VAL A 135 5.39 -22.58 38.08
CA VAL A 135 5.01 -21.32 37.44
C VAL A 135 5.82 -20.16 37.98
N GLU A 136 6.33 -20.28 39.22
CA GLU A 136 7.12 -19.22 39.82
C GLU A 136 8.38 -18.94 39.01
N SER A 137 8.95 -19.97 38.39
CA SER A 137 10.24 -19.84 37.73
C SER A 137 10.19 -18.99 36.48
N ILE A 138 9.00 -18.77 35.91
CA ILE A 138 8.90 -18.16 34.59
C ILE A 138 9.32 -16.69 34.64
N GLN A 139 10.10 -16.28 33.65
CA GLN A 139 10.54 -14.90 33.50
C GLN A 139 9.71 -14.27 32.37
N TRP A 140 8.84 -13.33 32.74
CA TRP A 140 7.85 -12.79 31.82
C TRP A 140 8.31 -11.56 31.07
N ARG A 141 9.49 -11.05 31.41
CA ARG A 141 10.09 -9.93 30.67
C ARG A 141 10.41 -10.31 29.22
N ASP A 142 10.69 -11.59 28.96
CA ASP A 142 10.89 -12.04 27.59
C ASP A 142 9.59 -11.95 26.79
N ILE A 143 8.52 -12.53 27.32
CA ILE A 143 7.32 -12.75 26.53
C ILE A 143 6.58 -11.44 26.28
N VAL A 144 6.33 -10.68 27.33
CA VAL A 144 5.51 -9.47 27.24
C VAL A 144 6.34 -8.32 26.71
N SER A 145 5.72 -7.49 25.87
CA SER A 145 6.38 -6.27 25.42
C SER A 145 6.69 -5.36 26.60
N SER A 146 7.75 -4.56 26.46
CA SER A 146 8.16 -3.69 27.55
C SER A 146 7.06 -2.71 27.93
N ASP A 147 6.37 -2.14 26.94
CA ASP A 147 5.37 -1.12 27.17
C ASP A 147 4.24 -1.55 28.09
N PHE A 148 4.18 -2.83 28.47
CA PHE A 148 3.12 -3.32 29.33
C PHE A 148 3.62 -3.83 30.67
N LEU A 149 4.95 -3.97 30.85
CA LEU A 149 5.52 -4.51 32.08
C LEU A 149 4.99 -3.83 33.34
N SER A 150 4.38 -2.65 33.21
CA SER A 150 3.86 -1.95 34.36
C SER A 150 2.59 -2.61 34.89
N ASN A 151 1.61 -2.85 34.02
CA ASN A 151 0.33 -3.40 34.44
C ASN A 151 0.40 -4.90 34.71
N MET A 152 1.61 -5.37 35.04
CA MET A 152 1.96 -6.79 35.11
C MET A 152 1.87 -7.27 36.56
N SER A 153 0.85 -8.07 36.86
CA SER A 153 0.60 -8.54 38.22
C SER A 153 1.03 -10.00 38.37
N MET A 154 1.32 -10.39 39.61
CA MET A 154 2.28 -11.45 39.87
C MET A 154 2.15 -12.12 41.24
N ASP A 155 1.03 -12.75 41.54
CA ASP A 155 0.97 -13.40 42.85
C ASP A 155 1.62 -14.78 42.84
N PHE A 156 2.82 -14.86 42.24
CA PHE A 156 3.62 -16.07 42.33
C PHE A 156 4.01 -16.42 43.76
N GLN A 157 3.16 -17.22 44.41
CA GLN A 157 3.44 -17.81 45.70
C GLN A 157 2.83 -19.20 45.72
N ASN A 158 3.59 -20.18 46.22
CA ASN A 158 3.12 -21.55 46.32
C ASN A 158 3.14 -21.97 47.78
N HIS A 159 1.96 -22.21 48.34
CA HIS A 159 1.89 -22.71 49.72
C HIS A 159 2.36 -24.15 49.81
N LEU A 160 2.08 -24.95 48.78
CA LEU A 160 2.46 -26.36 48.83
C LEU A 160 3.96 -26.54 48.72
N GLY A 161 4.58 -25.93 47.72
CA GLY A 161 6.03 -25.99 47.58
C GLY A 161 6.60 -27.37 47.42
N SER A 162 5.86 -28.27 46.77
CA SER A 162 6.28 -29.66 46.58
C SER A 162 6.32 -29.95 45.08
N CYS A 163 7.27 -29.32 44.38
CA CYS A 163 7.34 -29.41 42.93
C CYS A 163 8.79 -29.58 42.50
N GLN A 164 9.00 -30.38 41.46
CA GLN A 164 10.34 -30.65 40.97
C GLN A 164 10.92 -29.40 40.29
N LYS A 165 12.16 -29.08 40.62
CA LYS A 165 12.80 -27.85 40.16
C LYS A 165 13.16 -27.98 38.68
N CYS A 166 13.87 -26.98 38.16
CA CYS A 166 14.10 -26.86 36.73
C CYS A 166 15.40 -27.54 36.32
N ASP A 167 15.36 -28.26 35.20
CA ASP A 167 16.49 -29.00 34.67
C ASP A 167 17.67 -28.05 34.40
N PRO A 168 18.91 -28.55 34.43
CA PRO A 168 20.04 -27.69 34.05
C PRO A 168 19.98 -27.14 32.65
N SER A 169 19.23 -27.78 31.73
CA SER A 169 19.05 -27.24 30.41
C SER A 169 18.16 -26.01 30.39
N CYS A 170 17.46 -25.72 31.50
CA CYS A 170 16.67 -24.51 31.61
C CYS A 170 17.55 -23.38 32.13
N PRO A 171 17.73 -22.30 31.36
CA PRO A 171 18.62 -21.23 31.83
C PRO A 171 17.93 -20.37 32.88
N ASN A 172 18.72 -19.90 33.84
CA ASN A 172 18.25 -19.11 34.96
C ASN A 172 17.22 -19.84 35.81
N GLY A 173 17.16 -21.16 35.70
CA GLY A 173 16.23 -21.95 36.50
C GLY A 173 14.77 -21.69 36.20
N SER A 174 14.46 -21.42 34.93
CA SER A 174 13.12 -21.07 34.50
C SER A 174 12.55 -22.17 33.63
N CYS A 175 11.45 -22.78 34.07
CA CYS A 175 10.82 -23.87 33.34
C CYS A 175 9.33 -23.88 33.66
N TRP A 176 8.53 -24.27 32.66
CA TRP A 176 7.09 -24.41 32.84
C TRP A 176 6.69 -25.73 33.46
N GLY A 177 7.65 -26.64 33.67
CA GLY A 177 7.35 -27.94 34.23
C GLY A 177 8.60 -28.80 34.40
N ALA A 178 8.45 -30.11 34.31
CA ALA A 178 9.55 -31.05 34.51
C ALA A 178 9.77 -31.89 33.25
N GLY A 179 11.04 -32.05 32.87
CA GLY A 179 11.37 -32.92 31.76
C GLY A 179 12.45 -32.39 30.84
N GLU A 180 12.91 -31.16 31.09
CA GLU A 180 13.90 -30.45 30.29
C GLU A 180 13.32 -29.98 28.94
N GLU A 181 12.23 -30.61 28.49
CA GLU A 181 11.48 -30.05 27.36
C GLU A 181 10.69 -28.83 27.77
N ASN A 182 10.34 -28.72 29.05
CA ASN A 182 9.60 -27.59 29.59
C ASN A 182 10.50 -26.40 29.90
N CYS A 183 11.77 -26.45 29.51
CA CYS A 183 12.67 -25.33 29.75
C CYS A 183 12.19 -24.10 28.99
N GLN A 184 12.23 -22.95 29.67
CA GLN A 184 11.71 -21.71 29.11
C GLN A 184 12.70 -21.19 28.08
N LYS A 185 12.41 -21.45 26.81
CA LYS A 185 13.22 -20.90 25.72
C LYS A 185 13.00 -19.39 25.63
N LEU A 186 14.08 -18.63 25.55
CA LEU A 186 14.02 -17.19 25.56
C LEU A 186 14.51 -16.63 24.22
N THR A 187 13.84 -15.57 23.77
CA THR A 187 14.12 -15.02 22.45
C THR A 187 14.06 -13.50 22.38
N LYS A 188 13.79 -12.81 23.49
CA LYS A 188 13.62 -11.36 23.45
C LYS A 188 14.92 -10.60 23.68
N ILE A 189 15.23 -10.29 24.94
CA ILE A 189 16.33 -9.38 25.22
C ILE A 189 17.68 -10.00 24.89
N ILE A 190 17.80 -11.33 25.01
CA ILE A 190 19.09 -12.00 24.81
C ILE A 190 19.40 -12.16 23.33
N CYS A 191 19.60 -11.04 22.64
CA CYS A 191 19.93 -11.05 21.23
C CYS A 191 21.21 -10.26 21.05
N ALA A 192 21.12 -9.01 20.58
CA ALA A 192 22.28 -8.16 20.33
C ALA A 192 21.80 -6.72 20.29
N GLN A 193 22.77 -5.79 20.28
CA GLN A 193 22.40 -4.37 20.24
C GLN A 193 21.78 -4.00 18.91
N GLN A 194 22.38 -4.46 17.81
CA GLN A 194 21.83 -4.19 16.49
C GLN A 194 20.49 -4.88 16.27
N CYS A 195 20.27 -6.01 16.95
CA CYS A 195 19.07 -6.80 16.72
C CYS A 195 17.84 -6.11 17.29
N SER A 196 16.74 -6.17 16.54
CA SER A 196 15.43 -5.74 17.00
C SER A 196 14.41 -6.87 16.98
N GLY A 197 14.48 -7.74 15.98
CA GLY A 197 13.62 -8.91 15.97
C GLY A 197 14.04 -9.94 17.01
N ARG A 198 13.08 -10.78 17.38
CA ARG A 198 13.29 -11.77 18.45
C ARG A 198 14.12 -12.91 17.89
N CYS A 199 15.40 -12.93 18.24
CA CYS A 199 16.38 -13.85 17.69
C CYS A 199 16.11 -15.28 18.18
N ARG A 200 16.86 -16.23 17.59
CA ARG A 200 16.90 -17.58 18.15
C ARG A 200 17.68 -17.60 19.45
N GLY A 201 18.84 -16.94 19.47
CA GLY A 201 19.66 -16.88 20.66
C GLY A 201 20.58 -15.69 20.60
N LYS A 202 21.43 -15.57 21.62
CA LYS A 202 22.35 -14.43 21.71
C LYS A 202 23.26 -14.30 20.51
N SER A 203 23.36 -15.34 19.68
CA SER A 203 24.13 -15.26 18.44
C SER A 203 23.57 -14.17 17.54
N PRO A 204 24.35 -13.14 17.20
CA PRO A 204 23.85 -12.13 16.27
C PRO A 204 23.53 -12.69 14.89
N SER A 205 24.21 -13.77 14.49
CA SER A 205 23.86 -14.42 13.23
C SER A 205 22.48 -15.06 13.31
N ASP A 206 22.16 -15.71 14.42
CA ASP A 206 20.85 -16.33 14.62
C ASP A 206 19.86 -15.28 15.16
N CYS A 207 19.59 -14.30 14.31
CA CYS A 207 18.70 -13.20 14.64
C CYS A 207 17.61 -13.11 13.58
N CYS A 208 16.40 -12.79 14.00
CA CYS A 208 15.21 -12.97 13.17
C CYS A 208 14.70 -11.64 12.62
N HIS A 209 13.81 -11.78 11.63
CA HIS A 209 13.13 -10.63 11.03
C HIS A 209 12.27 -9.91 12.07
N ASN A 210 12.01 -8.62 11.80
CA ASN A 210 11.08 -7.88 12.64
C ASN A 210 9.66 -8.43 12.50
N GLN A 211 9.27 -8.80 11.28
CA GLN A 211 7.94 -9.37 11.05
C GLN A 211 7.78 -10.75 11.64
N CYS A 212 8.84 -11.35 12.19
CA CYS A 212 8.68 -12.53 13.01
C CYS A 212 8.03 -12.16 14.33
N ALA A 213 7.25 -13.10 14.88
CA ALA A 213 6.55 -12.88 16.14
C ALA A 213 7.23 -13.64 17.28
N ALA A 214 7.06 -14.96 17.35
CA ALA A 214 7.69 -15.72 18.42
C ALA A 214 9.19 -15.84 18.21
N GLY A 215 9.61 -16.12 16.98
CA GLY A 215 11.02 -16.27 16.66
C GLY A 215 11.20 -16.63 15.20
N CYS A 216 12.19 -17.46 14.89
CA CYS A 216 12.38 -17.91 13.53
C CYS A 216 13.24 -19.16 13.52
N THR A 217 13.11 -19.95 12.46
CA THR A 217 14.05 -21.01 12.16
C THR A 217 15.12 -20.58 11.17
N GLY A 218 14.97 -19.39 10.60
CA GLY A 218 15.94 -18.83 9.67
C GLY A 218 15.75 -17.33 9.53
N PRO A 219 16.72 -16.66 8.90
CA PRO A 219 16.69 -15.19 8.90
C PRO A 219 15.59 -14.59 8.04
N ARG A 220 15.35 -15.14 6.85
CA ARG A 220 14.38 -14.56 5.92
C ARG A 220 12.97 -14.58 6.51
N GLU A 221 12.07 -13.78 5.91
CA GLU A 221 10.74 -13.64 6.47
C GLU A 221 9.87 -14.89 6.25
N SER A 222 10.24 -15.75 5.30
CA SER A 222 9.53 -17.01 5.15
C SER A 222 9.79 -17.96 6.31
N ASP A 223 10.84 -17.71 7.09
CA ASP A 223 11.23 -18.58 8.19
C ASP A 223 10.70 -18.10 9.54
N CYS A 224 9.82 -17.11 9.55
CA CYS A 224 9.23 -16.65 10.80
C CYS A 224 8.33 -17.72 11.39
N LEU A 225 8.44 -17.95 12.70
CA LEU A 225 7.58 -18.92 13.36
C LEU A 225 6.12 -18.48 13.31
N VAL A 226 5.84 -17.27 13.78
CA VAL A 226 4.53 -16.64 13.65
C VAL A 226 4.74 -15.26 13.04
N CYS A 227 3.77 -14.82 12.23
CA CYS A 227 3.85 -13.52 11.60
C CYS A 227 3.29 -12.44 12.52
N ARG A 228 3.96 -11.28 12.52
CA ARG A 228 3.58 -10.22 13.44
C ARG A 228 2.28 -9.55 13.02
N LYS A 229 2.10 -9.27 11.73
CA LYS A 229 0.96 -8.50 11.28
C LYS A 229 0.19 -9.24 10.20
N PHE A 230 0.72 -9.28 8.98
CA PHE A 230 0.09 -10.03 7.90
C PHE A 230 0.98 -11.16 7.44
N ARG A 231 0.37 -12.17 6.83
CA ARG A 231 1.11 -13.22 6.16
C ARG A 231 0.63 -13.31 4.72
N ASP A 232 1.57 -13.43 3.80
CA ASP A 232 1.28 -13.60 2.39
C ASP A 232 1.76 -14.99 1.99
N GLU A 233 0.82 -15.90 1.80
CA GLU A 233 1.10 -17.31 1.54
C GLU A 233 1.93 -17.88 2.69
N ALA A 234 3.25 -17.91 2.54
CA ALA A 234 4.14 -18.42 3.57
C ALA A 234 5.05 -17.35 4.15
N THR A 235 5.04 -16.14 3.61
CA THR A 235 5.85 -15.04 4.09
C THR A 235 5.07 -14.21 5.12
N CYS A 236 5.79 -13.32 5.80
CA CYS A 236 5.18 -12.35 6.69
C CYS A 236 5.47 -10.94 6.20
N LYS A 237 4.47 -10.07 6.28
CA LYS A 237 4.55 -8.70 5.79
C LYS A 237 3.91 -7.74 6.77
N ASP A 238 4.47 -6.53 6.83
CA ASP A 238 3.83 -5.44 7.57
C ASP A 238 2.51 -5.05 6.94
N THR A 239 2.51 -4.80 5.63
CA THR A 239 1.32 -4.55 4.86
C THR A 239 1.24 -5.54 3.70
N CYS A 240 0.03 -5.91 3.33
CA CYS A 240 -0.14 -6.78 2.18
C CYS A 240 0.37 -6.07 0.93
N PRO A 241 0.97 -6.80 -0.01
CA PRO A 241 1.53 -6.16 -1.20
C PRO A 241 0.48 -5.37 -1.96
N PRO A 242 0.73 -4.09 -2.22
CA PRO A 242 -0.27 -3.25 -2.89
C PRO A 242 -0.58 -3.78 -4.29
N LEU A 243 -1.82 -3.55 -4.72
CA LEU A 243 -2.21 -3.96 -6.06
C LEU A 243 -1.54 -3.09 -7.12
N MET A 244 -1.25 -1.83 -6.79
CA MET A 244 -0.54 -0.93 -7.70
C MET A 244 0.52 -0.16 -6.90
N LEU A 245 1.71 -0.05 -7.47
CA LEU A 245 2.84 0.60 -6.84
C LEU A 245 3.21 1.87 -7.59
N TYR A 246 3.77 2.82 -6.85
CA TYR A 246 4.29 4.05 -7.43
C TYR A 246 5.61 3.78 -8.13
N ASN A 247 5.78 4.33 -9.35
CA ASN A 247 7.05 4.27 -10.04
C ASN A 247 7.76 5.60 -9.82
N PRO A 248 8.83 5.63 -9.03
CA PRO A 248 9.51 6.90 -8.78
C PRO A 248 10.06 7.56 -10.03
N THR A 249 10.40 6.77 -11.05
CA THR A 249 10.98 7.31 -12.27
C THR A 249 9.91 7.96 -13.15
N THR A 250 8.83 7.23 -13.42
CA THR A 250 7.78 7.73 -14.32
C THR A 250 6.78 8.64 -13.63
N TYR A 251 6.78 8.69 -12.30
CA TYR A 251 5.82 9.49 -11.53
C TYR A 251 4.39 9.07 -11.84
N GLN A 252 4.17 7.76 -11.98
CA GLN A 252 2.87 7.21 -12.31
C GLN A 252 2.69 5.88 -11.60
N MET A 253 1.46 5.36 -11.65
CA MET A 253 1.12 4.10 -10.98
C MET A 253 1.28 2.93 -11.94
N ASP A 254 1.77 1.81 -11.43
CA ASP A 254 2.00 0.60 -12.21
C ASP A 254 1.53 -0.61 -11.44
N VAL A 255 0.91 -1.56 -12.15
CA VAL A 255 0.37 -2.75 -11.50
C VAL A 255 1.49 -3.61 -10.93
N ASN A 256 1.25 -4.18 -9.73
CA ASN A 256 2.15 -5.09 -9.03
C ASN A 256 1.74 -6.52 -9.33
N PRO A 257 2.66 -7.38 -9.77
CA PRO A 257 2.28 -8.79 -9.99
C PRO A 257 2.01 -9.55 -8.69
N GLU A 258 2.86 -9.37 -7.69
CA GLU A 258 2.69 -10.03 -6.40
C GLU A 258 1.63 -9.37 -5.53
N GLY A 259 0.91 -8.39 -6.06
CA GLY A 259 -0.09 -7.69 -5.26
C GLY A 259 -1.30 -8.57 -4.99
N LYS A 260 -1.74 -8.56 -3.73
CA LYS A 260 -2.89 -9.36 -3.32
C LYS A 260 -3.75 -8.55 -2.36
N TYR A 261 -5.00 -8.96 -2.23
CA TYR A 261 -5.98 -8.26 -1.42
C TYR A 261 -5.78 -8.57 0.07
N SER A 262 -6.28 -7.67 0.91
CA SER A 262 -6.09 -7.74 2.36
C SER A 262 -7.39 -8.21 3.01
N PHE A 263 -7.34 -9.38 3.66
CA PHE A 263 -8.52 -9.92 4.35
C PHE A 263 -8.06 -10.46 5.70
N GLY A 264 -8.51 -9.83 6.77
CA GLY A 264 -8.09 -10.25 8.10
C GLY A 264 -6.60 -10.03 8.29
N ALA A 265 -5.92 -11.07 8.77
CA ALA A 265 -4.47 -11.07 8.86
C ALA A 265 -3.82 -11.75 7.66
N THR A 266 -4.58 -12.00 6.60
CA THR A 266 -4.10 -12.73 5.44
C THR A 266 -4.10 -11.83 4.21
N CYS A 267 -3.21 -12.16 3.28
CA CYS A 267 -3.20 -11.57 1.95
C CYS A 267 -3.70 -12.63 0.97
N VAL A 268 -4.92 -12.45 0.47
CA VAL A 268 -5.58 -13.42 -0.39
C VAL A 268 -5.81 -12.79 -1.76
N LYS A 269 -5.68 -13.61 -2.80
CA LYS A 269 -5.83 -13.11 -4.16
C LYS A 269 -7.27 -12.72 -4.48
N LYS A 270 -8.24 -13.28 -3.77
CA LYS A 270 -9.65 -13.00 -4.04
C LYS A 270 -10.39 -12.80 -2.74
N CYS A 271 -11.13 -11.69 -2.63
CA CYS A 271 -11.97 -11.47 -1.48
C CYS A 271 -13.15 -12.46 -1.50
N PRO A 272 -13.67 -12.83 -0.33
CA PRO A 272 -14.88 -13.65 -0.30
C PRO A 272 -16.06 -12.91 -0.90
N ARG A 273 -17.05 -13.70 -1.35
CA ARG A 273 -18.11 -13.15 -2.18
C ARG A 273 -19.02 -12.21 -1.41
N ASN A 274 -19.43 -12.61 -0.20
CA ASN A 274 -20.35 -11.76 0.58
C ASN A 274 -19.70 -10.47 1.05
N TYR A 275 -18.36 -10.45 1.15
CA TYR A 275 -17.65 -9.26 1.61
C TYR A 275 -17.63 -8.18 0.52
N VAL A 276 -17.19 -6.99 0.91
CA VAL A 276 -17.06 -5.86 0.01
C VAL A 276 -15.58 -5.61 -0.25
N VAL A 277 -15.29 -5.09 -1.44
CA VAL A 277 -13.92 -4.77 -1.84
C VAL A 277 -13.78 -3.25 -1.85
N THR A 278 -12.80 -2.74 -1.12
CA THR A 278 -12.47 -1.33 -1.22
C THR A 278 -11.45 -1.11 -2.33
N ASP A 279 -11.42 0.13 -2.84
CA ASP A 279 -10.50 0.45 -3.93
C ASP A 279 -9.04 0.34 -3.52
N HIS A 280 -8.74 0.47 -2.22
CA HIS A 280 -7.38 0.31 -1.75
C HIS A 280 -6.85 -1.10 -1.96
N GLY A 281 -7.73 -2.07 -2.13
CA GLY A 281 -7.35 -3.44 -2.31
C GLY A 281 -7.53 -4.33 -1.09
N SER A 282 -8.48 -4.02 -0.22
CA SER A 282 -8.73 -4.82 0.98
C SER A 282 -10.20 -5.22 1.03
N CYS A 283 -10.45 -6.33 1.73
CA CYS A 283 -11.81 -6.85 1.91
C CYS A 283 -12.38 -6.28 3.20
N VAL A 284 -13.50 -5.58 3.09
CA VAL A 284 -14.09 -4.91 4.24
C VAL A 284 -15.46 -5.49 4.55
N ARG A 285 -15.84 -5.42 5.82
CA ARG A 285 -17.16 -5.84 6.27
C ARG A 285 -18.21 -4.75 6.13
N ALA A 286 -17.80 -3.49 6.10
CA ALA A 286 -18.74 -2.38 5.98
C ALA A 286 -18.00 -1.16 5.45
N CYS A 287 -18.67 -0.40 4.59
CA CYS A 287 -18.14 0.86 4.11
C CYS A 287 -18.41 1.95 5.13
N GLY A 288 -17.47 2.88 5.26
CA GLY A 288 -17.64 3.98 6.19
C GLY A 288 -18.79 4.90 5.80
N ALA A 289 -19.05 5.86 6.68
CA ALA A 289 -20.09 6.84 6.40
C ALA A 289 -19.75 7.63 5.14
N ASP A 290 -20.78 8.16 4.49
CA ASP A 290 -20.68 8.81 3.19
C ASP A 290 -20.20 7.85 2.10
N SER A 291 -20.33 6.55 2.34
CA SER A 291 -20.00 5.53 1.36
C SER A 291 -21.10 4.48 1.34
N TYR A 292 -21.22 3.80 0.21
CA TYR A 292 -22.28 2.80 0.00
C TYR A 292 -21.71 1.62 -0.75
N GLU A 293 -22.48 0.54 -0.77
CA GLU A 293 -22.10 -0.69 -1.44
C GLU A 293 -22.83 -0.78 -2.78
N MET A 294 -22.09 -0.98 -3.86
CA MET A 294 -22.71 -1.34 -5.13
C MET A 294 -22.05 -2.58 -5.69
N GLU A 295 -22.59 -3.05 -6.81
CA GLU A 295 -21.98 -4.10 -7.62
C GLU A 295 -21.72 -3.53 -9.01
N GLU A 296 -20.50 -3.74 -9.51
CA GLU A 296 -20.02 -3.03 -10.69
C GLU A 296 -19.83 -3.98 -11.87
N ASP A 297 -18.79 -4.82 -11.85
CA ASP A 297 -18.48 -5.71 -12.95
C ASP A 297 -18.15 -7.09 -12.40
N GLY A 298 -18.94 -7.55 -11.43
CA GLY A 298 -18.67 -8.78 -10.71
C GLY A 298 -18.14 -8.57 -9.31
N VAL A 299 -17.93 -7.33 -8.88
CA VAL A 299 -17.33 -7.01 -7.59
C VAL A 299 -18.26 -6.10 -6.82
N ARG A 300 -18.57 -6.50 -5.57
CA ARG A 300 -19.21 -5.60 -4.63
C ARG A 300 -18.18 -4.65 -4.05
N LYS A 301 -18.35 -3.35 -4.31
CA LYS A 301 -17.36 -2.36 -3.95
C LYS A 301 -17.97 -1.22 -3.16
N CYS A 302 -17.15 -0.64 -2.28
CA CYS A 302 -17.48 0.60 -1.60
C CYS A 302 -17.27 1.77 -2.55
N LYS A 303 -18.20 2.72 -2.52
CA LYS A 303 -18.11 3.92 -3.33
C LYS A 303 -18.52 5.12 -2.49
N LYS A 304 -17.78 6.21 -2.64
CA LYS A 304 -18.13 7.44 -1.93
C LYS A 304 -19.40 8.03 -2.51
N CYS A 305 -20.30 8.48 -1.64
CA CYS A 305 -21.60 8.99 -2.05
C CYS A 305 -21.71 10.47 -1.73
N GLU A 306 -22.24 11.24 -2.68
CA GLU A 306 -22.61 12.63 -2.46
C GLU A 306 -24.06 12.78 -2.93
N GLY A 307 -24.98 12.95 -1.99
CA GLY A 307 -26.37 13.08 -2.31
C GLY A 307 -27.26 12.27 -1.40
N PRO A 308 -28.00 11.31 -1.99
CA PRO A 308 -28.97 10.53 -1.21
C PRO A 308 -28.34 9.75 -0.06
N CYS A 309 -27.48 8.79 -0.40
CA CYS A 309 -26.84 7.92 0.58
C CYS A 309 -27.91 7.28 1.46
N ARG A 310 -27.70 7.23 2.77
CA ARG A 310 -28.67 6.74 3.74
C ARG A 310 -28.10 6.95 5.13
N LYS A 311 -28.93 6.68 6.14
CA LYS A 311 -28.44 6.60 7.51
C LYS A 311 -27.37 5.53 7.63
N VAL A 312 -26.49 5.68 8.62
CA VAL A 312 -25.40 4.71 8.78
C VAL A 312 -25.95 3.35 9.18
N CYS A 313 -26.87 3.31 10.14
CA CYS A 313 -27.59 2.10 10.55
C CYS A 313 -26.64 0.98 10.95
N ASN A 314 -25.80 1.29 11.94
CA ASN A 314 -24.91 0.28 12.50
C ASN A 314 -25.69 -0.79 13.23
N GLY A 315 -25.12 -2.00 13.30
CA GLY A 315 -25.80 -3.13 13.90
C GLY A 315 -25.60 -3.21 15.40
N ILE A 316 -26.29 -4.17 16.01
CA ILE A 316 -26.20 -4.37 17.45
C ILE A 316 -24.88 -5.03 17.78
N GLY A 317 -24.19 -4.50 18.79
CA GLY A 317 -22.84 -4.90 19.10
C GLY A 317 -21.77 -4.04 18.46
N ILE A 318 -22.14 -3.02 17.70
CA ILE A 318 -21.22 -2.20 16.93
C ILE A 318 -21.50 -0.73 17.22
N GLY A 319 -20.46 0.04 17.48
CA GLY A 319 -20.59 1.49 17.55
C GLY A 319 -21.47 1.94 18.68
N GLU A 320 -22.55 2.66 18.32
CA GLU A 320 -23.53 3.12 19.29
C GLU A 320 -23.97 2.00 20.21
N PHE A 321 -24.20 0.82 19.64
CA PHE A 321 -24.70 -0.35 20.34
C PHE A 321 -23.56 -1.22 20.86
N LYS A 322 -22.54 -0.59 21.44
CA LYS A 322 -21.28 -1.26 21.71
C LYS A 322 -21.47 -2.54 22.53
N ASP A 323 -22.10 -2.41 23.71
CA ASP A 323 -22.34 -3.54 24.59
C ASP A 323 -23.84 -3.76 24.76
N SER A 324 -24.59 -3.55 23.69
CA SER A 324 -26.04 -3.72 23.72
C SER A 324 -26.40 -5.18 23.46
N LEU A 325 -27.25 -5.74 24.32
CA LEU A 325 -27.63 -7.14 24.17
C LEU A 325 -28.78 -7.33 23.19
N SER A 326 -29.68 -6.34 23.09
CA SER A 326 -30.84 -6.46 22.22
C SER A 326 -31.31 -5.06 21.82
N ILE A 327 -32.17 -5.01 20.80
CA ILE A 327 -32.82 -3.76 20.45
C ILE A 327 -33.98 -3.52 21.40
N ASN A 328 -34.17 -2.27 21.79
CA ASN A 328 -35.17 -1.91 22.81
C ASN A 328 -35.30 -0.39 22.82
N ALA A 329 -36.05 0.11 23.80
CA ALA A 329 -36.48 1.51 23.79
C ALA A 329 -35.31 2.48 23.74
N THR A 330 -34.19 2.13 24.37
CA THR A 330 -33.07 3.07 24.43
C THR A 330 -32.44 3.26 23.05
N ASN A 331 -32.53 2.26 22.17
CA ASN A 331 -31.89 2.31 20.87
C ASN A 331 -32.82 2.07 19.70
N ILE A 332 -34.13 1.88 19.94
CA ILE A 332 -35.04 1.54 18.85
C ILE A 332 -35.26 2.72 17.92
N LYS A 333 -35.09 3.95 18.41
CA LYS A 333 -35.37 5.13 17.59
C LYS A 333 -34.36 5.29 16.46
N HIS A 334 -33.13 4.79 16.65
CA HIS A 334 -32.06 5.00 15.68
C HIS A 334 -32.26 4.23 14.38
N PHE A 335 -33.24 3.33 14.31
CA PHE A 335 -33.50 2.52 13.13
C PHE A 335 -34.73 2.97 12.35
N LYS A 336 -35.08 4.25 12.44
CA LYS A 336 -36.31 4.77 11.86
C LYS A 336 -36.45 4.41 10.38
N ASN A 337 -35.64 5.03 9.53
CA ASN A 337 -35.63 4.70 8.11
C ASN A 337 -34.34 4.03 7.71
N CYS A 338 -34.06 2.87 8.30
CA CYS A 338 -32.93 2.05 7.91
C CYS A 338 -33.38 1.02 6.87
N THR A 339 -32.72 1.04 5.71
CA THR A 339 -32.98 0.02 4.69
C THR A 339 -31.96 -1.10 4.71
N SER A 340 -30.71 -0.79 5.01
CA SER A 340 -29.66 -1.79 5.17
C SER A 340 -29.06 -1.65 6.56
N ILE A 341 -28.77 -2.80 7.19
CA ILE A 341 -28.22 -2.84 8.54
C ILE A 341 -26.75 -3.24 8.42
N SER A 342 -25.86 -2.32 8.78
CA SER A 342 -24.41 -2.55 8.74
C SER A 342 -24.00 -3.32 9.99
N GLY A 343 -24.45 -4.56 10.04
CA GLY A 343 -24.07 -5.44 11.13
C GLY A 343 -25.20 -6.44 11.42
N ASP A 344 -25.43 -6.63 12.73
CA ASP A 344 -26.29 -7.69 13.23
C ASP A 344 -27.50 -7.09 13.94
N LEU A 345 -28.53 -7.92 14.09
CA LEU A 345 -29.71 -7.58 14.85
C LEU A 345 -30.00 -8.68 15.86
N HIS A 346 -30.13 -8.30 17.13
CA HIS A 346 -30.42 -9.22 18.23
C HIS A 346 -31.73 -8.78 18.88
N ILE A 347 -32.73 -9.64 18.83
CA ILE A 347 -34.01 -9.40 19.49
C ILE A 347 -34.13 -10.44 20.60
N LEU A 348 -33.99 -9.99 21.83
CA LEU A 348 -33.91 -10.87 23.00
C LEU A 348 -35.04 -10.57 23.98
N PRO A 349 -35.40 -11.52 24.84
CA PRO A 349 -36.53 -11.29 25.76
C PRO A 349 -36.30 -10.17 26.75
N VAL A 350 -35.03 -9.90 27.09
CA VAL A 350 -34.73 -8.87 28.08
C VAL A 350 -35.27 -7.51 27.64
N ALA A 351 -35.38 -7.29 26.33
CA ALA A 351 -35.91 -6.04 25.82
C ALA A 351 -37.37 -5.85 26.22
N PHE A 352 -38.19 -6.89 26.02
CA PHE A 352 -39.60 -6.79 26.38
C PHE A 352 -39.78 -6.80 27.89
N ARG A 353 -38.94 -7.55 28.62
CA ARG A 353 -39.03 -7.54 30.08
C ARG A 353 -38.44 -6.26 30.66
N GLY A 354 -37.36 -5.77 30.08
CA GLY A 354 -36.66 -4.62 30.64
C GLY A 354 -35.48 -5.04 31.46
N ASP A 355 -34.38 -4.29 31.39
CA ASP A 355 -33.17 -4.61 32.13
C ASP A 355 -32.82 -3.40 32.98
N SER A 356 -33.00 -3.54 34.30
CA SER A 356 -32.65 -2.45 35.20
C SER A 356 -31.13 -2.28 35.31
N PHE A 357 -30.37 -3.35 35.07
CA PHE A 357 -28.93 -3.29 35.28
C PHE A 357 -28.26 -2.43 34.22
N THR A 358 -28.75 -2.49 32.99
CA THR A 358 -28.33 -1.60 31.92
C THR A 358 -29.22 -0.37 31.80
N HIS A 359 -30.13 -0.17 32.76
CA HIS A 359 -31.05 0.97 32.79
C HIS A 359 -31.92 1.02 31.55
N THR A 360 -32.44 -0.14 31.15
CA THR A 360 -33.24 -0.24 29.95
C THR A 360 -34.71 -0.40 30.31
N PRO A 361 -35.58 0.52 29.92
CA PRO A 361 -37.01 0.35 30.18
C PRO A 361 -37.62 -0.68 29.25
N PRO A 362 -38.82 -1.19 29.56
CA PRO A 362 -39.46 -2.15 28.66
C PRO A 362 -39.73 -1.56 27.28
N LEU A 363 -39.84 -2.45 26.30
CA LEU A 363 -40.05 -2.07 24.91
C LEU A 363 -41.52 -2.24 24.53
N ASP A 364 -42.11 -1.20 23.97
CA ASP A 364 -43.44 -1.31 23.38
C ASP A 364 -43.35 -2.21 22.15
N PRO A 365 -44.18 -3.26 22.05
CA PRO A 365 -44.15 -4.09 20.84
C PRO A 365 -44.39 -3.30 19.55
N GLN A 366 -45.30 -2.32 19.61
CA GLN A 366 -45.68 -1.58 18.40
C GLN A 366 -44.50 -0.85 17.76
N GLU A 367 -43.44 -0.56 18.51
CA GLU A 367 -42.30 0.14 17.94
C GLU A 367 -41.45 -0.77 17.04
N LEU A 368 -41.58 -2.08 17.18
CA LEU A 368 -40.84 -3.00 16.31
C LEU A 368 -41.18 -2.75 14.84
N ASP A 369 -42.39 -2.27 14.56
CA ASP A 369 -42.81 -1.93 13.21
C ASP A 369 -41.87 -0.93 12.53
N ILE A 370 -41.09 -0.18 13.31
CA ILE A 370 -40.10 0.73 12.75
C ILE A 370 -39.18 -0.02 11.79
N LEU A 371 -38.92 -1.30 12.05
CA LEU A 371 -38.01 -2.09 11.24
C LEU A 371 -38.64 -2.60 9.95
N LYS A 372 -39.86 -2.16 9.60
CA LYS A 372 -40.46 -2.60 8.35
C LYS A 372 -39.68 -2.10 7.14
N THR A 373 -38.96 -0.98 7.29
CA THR A 373 -38.22 -0.38 6.20
C THR A 373 -36.93 -1.11 5.86
N VAL A 374 -36.51 -2.07 6.68
CA VAL A 374 -35.25 -2.76 6.45
C VAL A 374 -35.43 -3.84 5.38
N LYS A 375 -34.56 -3.82 4.37
CA LYS A 375 -34.53 -4.84 3.34
C LYS A 375 -33.25 -5.66 3.32
N GLU A 376 -32.17 -5.18 3.93
CA GLU A 376 -30.87 -5.83 3.88
C GLU A 376 -30.26 -5.85 5.27
N ILE A 377 -29.68 -6.98 5.65
CA ILE A 377 -28.88 -7.11 6.85
C ILE A 377 -27.55 -7.73 6.45
N THR A 378 -26.45 -6.98 6.67
CA THR A 378 -25.14 -7.44 6.24
C THR A 378 -24.63 -8.60 7.08
N GLY A 379 -25.09 -8.71 8.33
CA GLY A 379 -24.62 -9.75 9.22
C GLY A 379 -25.63 -10.86 9.43
N PHE A 380 -26.03 -11.07 10.68
CA PHE A 380 -27.01 -12.10 11.02
C PHE A 380 -28.19 -11.48 11.77
N LEU A 381 -29.31 -12.18 11.71
CA LEU A 381 -30.54 -11.79 12.40
C LEU A 381 -30.90 -12.88 13.40
N LEU A 382 -30.90 -12.53 14.68
CA LEU A 382 -31.26 -13.45 15.76
C LEU A 382 -32.52 -12.92 16.42
N ILE A 383 -33.55 -13.76 16.49
CA ILE A 383 -34.85 -13.41 17.08
C ILE A 383 -35.18 -14.49 18.09
N GLN A 384 -34.92 -14.19 19.38
CA GLN A 384 -35.26 -15.08 20.47
C GLN A 384 -36.53 -14.67 21.20
N ALA A 385 -37.03 -13.46 20.96
CA ALA A 385 -38.28 -13.00 21.54
C ALA A 385 -39.06 -12.22 20.50
N TRP A 386 -40.38 -12.30 20.60
CA TRP A 386 -41.28 -11.61 19.69
C TRP A 386 -42.58 -11.37 20.42
N PRO A 387 -43.29 -10.26 20.11
CA PRO A 387 -44.59 -10.01 20.75
C PRO A 387 -45.57 -11.16 20.57
N GLU A 388 -45.87 -11.80 21.71
CA GLU A 388 -46.80 -12.92 21.82
C GLU A 388 -48.09 -12.74 21.02
N ASN A 389 -48.62 -11.51 20.97
CA ASN A 389 -49.90 -11.28 20.32
C ASN A 389 -49.80 -11.42 18.81
N ARG A 390 -48.62 -11.18 18.23
CA ARG A 390 -48.46 -11.25 16.79
C ARG A 390 -48.29 -12.70 16.33
N THR A 391 -48.76 -12.96 15.11
CA THR A 391 -48.74 -14.30 14.54
C THR A 391 -47.56 -14.55 13.62
N ASP A 392 -46.87 -13.51 13.18
CA ASP A 392 -45.75 -13.66 12.25
C ASP A 392 -44.73 -12.56 12.50
N LEU A 393 -43.57 -12.69 11.84
CA LEU A 393 -42.52 -11.68 11.91
C LEU A 393 -42.85 -10.57 10.92
N HIS A 394 -43.88 -9.80 11.27
CA HIS A 394 -44.44 -8.81 10.35
C HIS A 394 -43.43 -7.72 10.04
N ALA A 395 -42.62 -7.32 11.02
CA ALA A 395 -41.69 -6.21 10.82
C ALA A 395 -40.63 -6.50 9.77
N PHE A 396 -40.43 -7.76 9.40
CA PHE A 396 -39.47 -8.13 8.38
C PHE A 396 -40.15 -8.64 7.12
N GLU A 397 -41.35 -8.13 6.84
CA GLU A 397 -42.07 -8.54 5.63
C GLU A 397 -41.39 -8.01 4.37
N ASN A 398 -40.62 -6.93 4.49
CA ASN A 398 -39.92 -6.33 3.37
C ASN A 398 -38.43 -6.65 3.36
N LEU A 399 -37.94 -7.39 4.35
CA LEU A 399 -36.55 -7.84 4.33
C LEU A 399 -36.34 -8.81 3.19
N GLU A 400 -35.29 -8.58 2.40
CA GLU A 400 -35.06 -9.34 1.19
C GLU A 400 -33.80 -10.19 1.21
N ILE A 401 -32.73 -9.74 1.88
CA ILE A 401 -31.45 -10.44 1.82
C ILE A 401 -30.75 -10.33 3.16
N ILE A 402 -30.15 -11.43 3.59
CA ILE A 402 -29.23 -11.47 4.72
C ILE A 402 -27.91 -12.03 4.19
N ARG A 403 -26.83 -11.28 4.38
CA ARG A 403 -25.58 -11.60 3.71
C ARG A 403 -24.64 -12.48 4.53
N GLY A 404 -24.84 -12.56 5.84
CA GLY A 404 -24.06 -13.47 6.66
C GLY A 404 -22.58 -13.19 6.70
N ARG A 405 -22.19 -11.92 6.58
CA ARG A 405 -20.78 -11.57 6.75
C ARG A 405 -20.32 -11.90 8.17
N THR A 406 -21.12 -11.52 9.15
CA THR A 406 -20.93 -11.92 10.54
C THR A 406 -22.04 -12.90 10.91
N LYS A 407 -21.67 -14.01 11.52
CA LYS A 407 -22.59 -15.11 11.78
C LYS A 407 -22.56 -15.47 13.27
N GLN A 408 -23.73 -15.79 13.81
CA GLN A 408 -23.82 -16.12 15.23
C GLN A 408 -23.07 -17.41 15.52
N HIS A 409 -22.20 -17.35 16.54
CA HIS A 409 -21.31 -18.45 16.90
C HIS A 409 -20.44 -18.89 15.72
N GLY A 410 -20.29 -18.02 14.73
CA GLY A 410 -19.53 -18.33 13.54
C GLY A 410 -20.24 -19.23 12.54
N GLN A 411 -21.55 -19.46 12.70
CA GLN A 411 -22.22 -20.44 11.85
C GLN A 411 -23.59 -19.98 11.34
N PHE A 412 -24.36 -19.28 12.16
CA PHE A 412 -25.75 -19.01 11.84
C PHE A 412 -25.96 -17.56 11.45
N SER A 413 -26.64 -17.35 10.31
CA SER A 413 -27.00 -16.03 9.84
C SER A 413 -28.47 -15.69 10.05
N LEU A 414 -29.32 -16.70 10.20
CA LEU A 414 -30.72 -16.50 10.54
C LEU A 414 -31.08 -17.45 11.68
N ALA A 415 -31.59 -16.91 12.77
CA ALA A 415 -32.02 -17.70 13.91
C ALA A 415 -33.36 -17.19 14.39
N VAL A 416 -34.35 -18.07 14.44
CA VAL A 416 -35.69 -17.76 14.94
C VAL A 416 -36.04 -18.81 15.97
N VAL A 417 -36.00 -18.46 17.25
CA VAL A 417 -36.14 -19.43 18.32
C VAL A 417 -37.06 -18.91 19.41
N SER A 418 -37.79 -19.84 20.05
CA SER A 418 -38.54 -19.58 21.28
C SER A 418 -39.65 -18.56 21.06
N LEU A 419 -40.51 -18.82 20.08
CA LEU A 419 -41.57 -17.89 19.71
C LEU A 419 -42.91 -18.61 19.64
N ASN A 420 -43.98 -17.82 19.74
CA ASN A 420 -45.35 -18.30 19.61
C ASN A 420 -45.92 -18.03 18.23
N ILE A 421 -45.09 -17.60 17.28
CA ILE A 421 -45.59 -17.21 15.96
C ILE A 421 -46.14 -18.42 15.22
N THR A 422 -47.26 -18.23 14.54
CA THR A 422 -47.85 -19.31 13.74
C THR A 422 -47.15 -19.44 12.40
N SER A 423 -46.76 -18.31 11.80
CA SER A 423 -46.05 -18.29 10.53
C SER A 423 -44.84 -17.39 10.66
N LEU A 424 -43.97 -17.43 9.64
CA LEU A 424 -42.80 -16.58 9.61
C LEU A 424 -43.09 -15.22 8.99
N GLY A 425 -43.74 -15.20 7.83
CA GLY A 425 -44.10 -13.95 7.18
C GLY A 425 -42.97 -13.25 6.47
N LEU A 426 -41.86 -13.92 6.23
CA LEU A 426 -40.72 -13.35 5.51
C LEU A 426 -40.96 -13.46 4.01
N ARG A 427 -41.98 -12.74 3.54
CA ARG A 427 -42.44 -12.90 2.16
C ARG A 427 -41.43 -12.37 1.15
N SER A 428 -40.70 -11.31 1.51
CA SER A 428 -39.76 -10.70 0.59
C SER A 428 -38.36 -11.29 0.66
N LEU A 429 -38.12 -12.24 1.56
CA LEU A 429 -36.81 -12.84 1.69
C LEU A 429 -36.45 -13.62 0.44
N LYS A 430 -35.25 -13.40 -0.10
CA LYS A 430 -34.85 -14.05 -1.35
C LYS A 430 -33.48 -14.70 -1.26
N GLU A 431 -32.57 -14.14 -0.47
CA GLU A 431 -31.19 -14.64 -0.46
C GLU A 431 -30.62 -14.64 0.95
N ILE A 432 -30.04 -15.77 1.33
CA ILE A 432 -29.18 -15.90 2.51
C ILE A 432 -27.79 -16.21 1.99
N SER A 433 -26.97 -15.16 1.83
CA SER A 433 -25.71 -15.30 1.10
C SER A 433 -24.79 -16.34 1.74
N ASP A 434 -24.71 -16.36 3.07
CA ASP A 434 -23.87 -17.32 3.76
C ASP A 434 -24.43 -17.53 5.16
N GLY A 435 -24.13 -18.69 5.73
CA GLY A 435 -24.57 -19.01 7.07
C GLY A 435 -25.75 -19.98 7.08
N ASP A 436 -25.90 -20.67 8.19
CA ASP A 436 -26.96 -21.64 8.38
C ASP A 436 -28.17 -21.00 9.06
N VAL A 437 -29.33 -21.64 8.89
CA VAL A 437 -30.59 -21.13 9.40
C VAL A 437 -31.15 -22.13 10.40
N ILE A 438 -31.29 -21.72 11.66
CA ILE A 438 -31.91 -22.54 12.68
C ILE A 438 -33.31 -22.00 12.96
N ILE A 439 -34.30 -22.88 12.90
CA ILE A 439 -35.67 -22.57 13.28
C ILE A 439 -36.09 -23.62 14.30
N SER A 440 -36.13 -23.23 15.57
CA SER A 440 -36.31 -24.18 16.65
C SER A 440 -37.14 -23.55 17.76
N GLY A 441 -37.77 -24.42 18.55
CA GLY A 441 -38.47 -24.00 19.76
C GLY A 441 -39.71 -23.17 19.50
N ASN A 442 -40.14 -23.09 18.25
CA ASN A 442 -41.32 -22.31 17.88
C ASN A 442 -42.54 -23.23 17.93
N LYS A 443 -43.21 -23.23 19.07
CA LYS A 443 -44.23 -24.23 19.39
C LYS A 443 -45.47 -24.13 18.50
N ASN A 444 -45.72 -22.98 17.86
CA ASN A 444 -46.92 -22.79 17.06
C ASN A 444 -46.61 -22.57 15.57
N LEU A 445 -45.36 -22.75 15.16
CA LEU A 445 -44.95 -22.49 13.78
C LEU A 445 -45.16 -23.71 12.90
N CYS A 446 -45.66 -23.48 11.69
CA CYS A 446 -46.04 -24.59 10.81
C CYS A 446 -45.46 -24.51 9.40
N TYR A 447 -45.50 -23.34 8.77
CA TYR A 447 -45.27 -23.24 7.34
C TYR A 447 -43.80 -23.14 6.97
N ALA A 448 -42.89 -23.30 7.92
CA ALA A 448 -41.47 -23.14 7.62
C ALA A 448 -40.93 -24.28 6.77
N ASN A 449 -41.55 -25.45 6.84
CA ASN A 449 -41.03 -26.65 6.18
C ASN A 449 -41.41 -26.76 4.71
N THR A 450 -42.20 -25.83 4.18
CA THR A 450 -42.58 -25.86 2.78
C THR A 450 -41.56 -25.19 1.86
N ILE A 451 -40.76 -24.27 2.39
CA ILE A 451 -39.85 -23.47 1.57
C ILE A 451 -38.61 -24.29 1.26
N ASN A 452 -38.20 -24.28 0.00
CA ASN A 452 -36.92 -24.86 -0.40
C ASN A 452 -35.84 -23.82 -0.11
N TRP A 453 -35.32 -23.86 1.12
CA TRP A 453 -34.32 -22.88 1.55
C TRP A 453 -33.06 -22.92 0.70
N LYS A 454 -32.83 -24.02 -0.02
CA LYS A 454 -31.60 -24.15 -0.80
C LYS A 454 -31.56 -23.14 -1.94
N LYS A 455 -32.72 -22.69 -2.41
CA LYS A 455 -32.76 -21.65 -3.44
C LYS A 455 -32.60 -20.25 -2.88
N LEU A 456 -32.65 -20.10 -1.55
CA LEU A 456 -32.33 -18.83 -0.91
C LEU A 456 -30.87 -18.74 -0.48
N PHE A 457 -30.12 -19.82 -0.64
CA PHE A 457 -28.73 -19.91 -0.18
C PHE A 457 -27.78 -19.60 -1.32
N GLY A 458 -26.70 -18.90 -1.02
CA GLY A 458 -25.76 -18.48 -2.04
C GLY A 458 -24.45 -19.26 -2.03
N THR A 459 -24.35 -20.23 -1.14
CA THR A 459 -23.14 -21.03 -0.99
C THR A 459 -23.51 -22.49 -0.82
N SER A 460 -22.87 -23.37 -1.58
CA SER A 460 -23.03 -24.80 -1.38
C SER A 460 -22.46 -25.19 -0.02
N GLY A 461 -23.26 -25.88 0.78
CA GLY A 461 -22.87 -26.26 2.12
C GLY A 461 -23.66 -25.59 3.22
N GLN A 462 -24.36 -24.49 2.91
CA GLN A 462 -25.25 -23.88 3.88
C GLN A 462 -26.38 -24.84 4.21
N LYS A 463 -26.55 -25.14 5.50
CA LYS A 463 -27.53 -26.11 5.96
C LYS A 463 -28.65 -25.41 6.70
N THR A 464 -29.80 -26.11 6.78
CA THR A 464 -30.95 -25.64 7.53
C THR A 464 -31.29 -26.65 8.62
N LYS A 465 -31.51 -26.15 9.84
CA LYS A 465 -31.84 -26.98 10.99
C LYS A 465 -33.18 -26.52 11.52
N ILE A 466 -34.24 -27.23 11.16
CA ILE A 466 -35.61 -26.88 11.52
C ILE A 466 -36.13 -27.99 12.41
N ILE A 467 -36.20 -27.73 13.73
CA ILE A 467 -36.56 -28.75 14.70
C ILE A 467 -37.33 -28.11 15.84
N SER A 468 -38.00 -28.95 16.63
CA SER A 468 -38.68 -28.54 17.86
C SER A 468 -39.73 -27.46 17.60
N ASN A 469 -40.35 -27.47 16.42
CA ASN A 469 -41.48 -26.62 16.10
C ASN A 469 -42.75 -27.46 16.08
N ARG A 470 -43.87 -26.81 15.79
CA ARG A 470 -45.14 -27.54 15.72
C ARG A 470 -45.05 -28.60 14.62
N GLY A 471 -45.46 -29.82 14.97
CA GLY A 471 -45.26 -30.94 14.07
C GLY A 471 -46.01 -30.74 12.75
N GLU A 472 -45.37 -31.17 11.66
CA GLU A 472 -45.96 -31.02 10.34
C GLU A 472 -47.27 -31.78 10.23
N ASN A 473 -47.35 -32.98 10.84
CA ASN A 473 -48.58 -33.74 10.82
C ASN A 473 -49.69 -33.01 11.57
N SER A 474 -49.37 -32.44 12.73
CA SER A 474 -50.36 -31.67 13.49
C SER A 474 -50.84 -30.47 12.70
N CYS A 475 -49.92 -29.77 12.02
CA CYS A 475 -50.31 -28.59 11.26
C CYS A 475 -51.14 -28.96 10.04
N LYS A 476 -50.83 -30.09 9.41
CA LYS A 476 -51.67 -30.58 8.32
C LYS A 476 -53.07 -30.95 8.83
N ALA A 477 -53.15 -31.50 10.04
CA ALA A 477 -54.44 -31.89 10.59
C ALA A 477 -55.29 -30.66 10.90
N THR A 478 -54.68 -29.58 11.37
CA THR A 478 -55.41 -28.36 11.69
C THR A 478 -55.64 -27.46 10.48
N GLY A 479 -55.23 -27.91 9.29
CA GLY A 479 -55.40 -27.09 8.10
C GLY A 479 -54.40 -25.98 7.92
N GLN A 480 -53.36 -25.92 8.77
CA GLN A 480 -52.34 -24.88 8.66
C GLN A 480 -51.31 -25.32 7.61
N VAL A 481 -51.70 -25.15 6.34
CA VAL A 481 -50.89 -25.54 5.21
C VAL A 481 -51.00 -24.44 4.15
N CYS A 482 -50.11 -24.50 3.16
CA CYS A 482 -50.07 -23.49 2.11
C CYS A 482 -51.37 -23.49 1.31
N HIS A 483 -51.79 -22.31 0.87
CA HIS A 483 -52.96 -22.18 0.03
C HIS A 483 -52.74 -22.93 -1.29
N ALA A 484 -53.80 -23.55 -1.80
CA ALA A 484 -53.69 -24.44 -2.94
C ALA A 484 -53.39 -23.70 -4.25
N LEU A 485 -53.73 -22.42 -4.35
CA LEU A 485 -53.43 -21.68 -5.58
C LEU A 485 -51.95 -21.40 -5.75
N CYS A 486 -51.11 -21.82 -4.79
CA CYS A 486 -49.73 -21.39 -4.72
C CYS A 486 -48.91 -22.45 -3.98
N SER A 487 -48.73 -23.61 -4.62
CA SER A 487 -47.87 -24.62 -4.01
C SER A 487 -46.73 -25.08 -4.91
N PRO A 488 -46.02 -24.17 -5.63
CA PRO A 488 -44.87 -24.65 -6.42
C PRO A 488 -43.63 -24.76 -5.57
N GLU A 489 -43.39 -23.76 -4.72
CA GLU A 489 -42.14 -23.66 -3.98
C GLU A 489 -42.32 -23.56 -2.47
N GLY A 490 -43.47 -23.16 -1.97
CA GLY A 490 -43.71 -23.08 -0.55
C GLY A 490 -44.49 -21.83 -0.20
N CYS A 491 -44.57 -21.55 1.09
CA CYS A 491 -45.30 -20.38 1.57
C CYS A 491 -44.81 -20.04 2.98
N TRP A 492 -44.77 -18.73 3.27
CA TRP A 492 -44.39 -18.23 4.58
C TRP A 492 -45.59 -18.11 5.52
N GLY A 493 -46.76 -18.56 5.10
CA GLY A 493 -47.96 -18.47 5.89
C GLY A 493 -49.17 -18.95 5.12
N PRO A 494 -50.36 -18.87 5.73
CA PRO A 494 -51.55 -19.46 5.09
C PRO A 494 -52.05 -18.69 3.89
N GLU A 495 -51.90 -17.37 3.88
CA GLU A 495 -52.54 -16.55 2.86
C GLU A 495 -51.81 -16.66 1.52
N PRO A 496 -52.54 -16.46 0.41
CA PRO A 496 -51.88 -16.44 -0.91
C PRO A 496 -50.71 -15.47 -1.00
N ARG A 497 -50.83 -14.31 -0.33
CA ARG A 497 -49.71 -13.37 -0.30
C ARG A 497 -48.49 -13.99 0.36
N ASP A 498 -48.69 -14.81 1.40
CA ASP A 498 -47.59 -15.48 2.07
C ASP A 498 -46.96 -16.57 1.21
N CYS A 499 -47.61 -16.97 0.12
CA CYS A 499 -47.00 -17.90 -0.80
C CYS A 499 -45.88 -17.21 -1.58
N VAL A 500 -44.99 -18.01 -2.16
CA VAL A 500 -43.81 -17.45 -2.81
C VAL A 500 -43.93 -17.49 -4.33
N SER A 501 -44.04 -18.68 -4.93
CA SER A 501 -44.04 -18.74 -6.39
C SER A 501 -45.39 -18.40 -6.97
N HIS A 502 -46.47 -18.81 -6.30
CA HIS A 502 -47.84 -18.42 -6.66
C HIS A 502 -48.17 -18.82 -8.09
N GLU B 3 15.20 18.66 -0.50
CA GLU B 3 16.47 18.52 0.21
C GLU B 3 17.66 18.88 -0.68
N LYS B 4 18.06 17.94 -1.54
CA LYS B 4 19.28 18.09 -2.32
C LYS B 4 19.00 18.76 -3.66
N LYS B 5 19.89 19.66 -4.04
CA LYS B 5 19.78 20.38 -5.30
C LYS B 5 19.81 19.41 -6.48
N VAL B 6 18.89 19.59 -7.42
CA VAL B 6 18.74 18.68 -8.54
C VAL B 6 19.08 19.40 -9.84
N CYS B 7 19.40 18.60 -10.86
CA CYS B 7 19.55 19.07 -12.22
C CYS B 7 19.03 17.98 -13.16
N GLN B 8 18.59 18.40 -14.34
CA GLN B 8 17.88 17.49 -15.23
C GLN B 8 18.80 16.40 -15.77
N GLY B 9 19.83 16.79 -16.49
CA GLY B 9 20.73 15.87 -17.16
C GLY B 9 20.75 16.09 -18.66
N THR B 10 21.63 15.33 -19.31
CA THR B 10 21.80 15.42 -20.75
C THR B 10 21.73 14.02 -21.36
N SER B 11 21.12 13.92 -22.53
CA SER B 11 21.02 12.67 -23.27
C SER B 11 21.53 12.84 -24.70
N ASN B 12 22.47 13.77 -24.90
CA ASN B 12 23.04 14.00 -26.22
C ASN B 12 24.03 12.91 -26.63
N LYS B 13 24.40 12.02 -25.70
CA LYS B 13 25.37 10.93 -25.94
C LYS B 13 26.66 11.55 -26.48
N LEU B 14 27.22 11.03 -27.56
CA LEU B 14 28.51 11.48 -28.07
C LEU B 14 28.39 12.56 -29.13
N THR B 15 27.21 13.16 -29.26
CA THR B 15 27.05 14.31 -30.13
C THR B 15 27.67 15.55 -29.50
N GLN B 16 28.36 16.34 -30.31
CA GLN B 16 29.01 17.55 -29.85
C GLN B 16 28.11 18.75 -30.10
N LEU B 17 27.94 19.60 -29.08
CA LEU B 17 27.08 20.77 -29.16
C LEU B 17 27.94 22.00 -29.39
N GLY B 18 28.12 22.35 -30.67
CA GLY B 18 28.89 23.52 -31.02
C GLY B 18 30.38 23.32 -30.84
N THR B 19 31.08 24.42 -30.62
CA THR B 19 32.52 24.37 -30.37
C THR B 19 32.78 23.73 -29.00
N PHE B 20 34.04 23.32 -28.79
CA PHE B 20 34.43 22.76 -27.50
C PHE B 20 34.07 23.70 -26.37
N GLU B 21 34.24 25.01 -26.58
CA GLU B 21 33.89 25.99 -25.56
C GLU B 21 32.38 26.05 -25.33
N ASP B 22 31.60 26.02 -26.40
CA ASP B 22 30.14 26.02 -26.26
C ASP B 22 29.66 24.76 -25.56
N HIS B 23 30.25 23.61 -25.91
CA HIS B 23 29.94 22.36 -25.23
C HIS B 23 30.21 22.47 -23.74
N PHE B 24 31.40 22.97 -23.38
CA PHE B 24 31.75 23.13 -21.98
C PHE B 24 30.78 24.08 -21.28
N LEU B 25 30.37 25.15 -21.97
CA LEU B 25 29.46 26.11 -21.35
C LEU B 25 28.10 25.50 -21.09
N SER B 26 27.59 24.70 -22.04
CA SER B 26 26.33 24.01 -21.81
C SER B 26 26.43 23.05 -20.64
N LEU B 27 27.53 22.29 -20.57
CA LEU B 27 27.69 21.35 -19.46
C LEU B 27 27.79 22.07 -18.13
N GLN B 28 28.49 23.21 -18.10
CA GLN B 28 28.59 24.03 -16.89
C GLN B 28 27.22 24.54 -16.45
N ARG B 29 26.45 25.08 -17.41
CA ARG B 29 25.09 25.51 -17.10
C ARG B 29 24.27 24.38 -16.51
N MET B 30 24.42 23.17 -17.06
CA MET B 30 23.57 22.06 -16.63
C MET B 30 23.93 21.58 -15.23
N PHE B 31 25.22 21.36 -14.96
CA PHE B 31 25.61 20.65 -13.74
C PHE B 31 26.21 21.56 -12.67
N ASN B 32 26.03 22.88 -12.78
CA ASN B 32 26.49 23.78 -11.74
C ASN B 32 25.62 23.63 -10.50
N ASN B 33 26.26 23.56 -9.32
CA ASN B 33 25.58 23.48 -8.04
C ASN B 33 24.74 22.20 -7.91
N CYS B 34 24.65 21.43 -8.98
CA CYS B 34 23.81 20.23 -8.98
C CYS B 34 24.39 19.17 -8.06
N GLU B 35 23.52 18.53 -7.30
CA GLU B 35 23.89 17.43 -6.42
C GLU B 35 23.26 16.10 -6.80
N VAL B 36 22.10 16.11 -7.45
CA VAL B 36 21.40 14.90 -7.87
C VAL B 36 21.04 15.07 -9.34
N VAL B 37 21.62 14.24 -10.19
CA VAL B 37 21.27 14.23 -11.61
C VAL B 37 20.05 13.34 -11.79
N LEU B 38 18.91 13.95 -12.13
CA LEU B 38 17.69 13.19 -12.33
C LEU B 38 17.72 12.39 -13.63
N GLY B 39 18.59 12.75 -14.55
CA GLY B 39 18.75 12.00 -15.79
C GLY B 39 20.12 11.40 -15.93
N ASN B 40 20.80 11.69 -17.03
CA ASN B 40 22.12 11.12 -17.32
C ASN B 40 23.19 12.18 -17.17
N LEU B 41 24.36 11.76 -16.69
CA LEU B 41 25.55 12.61 -16.56
C LEU B 41 26.48 12.32 -17.71
N GLU B 42 26.55 13.24 -18.68
CA GLU B 42 27.38 13.07 -19.87
C GLU B 42 28.48 14.12 -19.86
N ILE B 43 29.72 13.66 -19.70
CA ILE B 43 30.91 14.50 -19.68
C ILE B 43 31.69 14.15 -20.94
N THR B 44 31.52 14.95 -22.00
CA THR B 44 32.11 14.63 -23.28
C THR B 44 32.73 15.87 -23.90
N TYR B 45 33.81 15.64 -24.65
CA TYR B 45 34.47 16.68 -25.45
C TYR B 45 34.95 17.85 -24.59
N VAL B 46 35.41 17.54 -23.39
CA VAL B 46 35.97 18.54 -22.48
C VAL B 46 37.48 18.51 -22.62
N GLN B 47 38.05 19.63 -23.04
CA GLN B 47 39.47 19.69 -23.40
C GLN B 47 40.30 20.21 -22.22
N ARG B 48 41.62 20.25 -22.43
CA ARG B 48 42.55 20.62 -21.38
C ARG B 48 42.36 22.08 -20.98
N ASN B 49 42.85 22.40 -19.78
CA ASN B 49 42.83 23.76 -19.23
C ASN B 49 41.41 24.29 -19.04
N TYR B 50 40.45 23.37 -18.86
CA TYR B 50 39.07 23.72 -18.55
C TYR B 50 38.75 23.18 -17.16
N ASP B 51 38.30 24.06 -16.26
CA ASP B 51 38.03 23.67 -14.89
C ASP B 51 36.72 22.90 -14.80
N LEU B 52 36.79 21.70 -14.24
CA LEU B 52 35.61 20.86 -14.00
C LEU B 52 35.29 20.76 -12.51
N SER B 53 35.62 21.81 -11.74
CA SER B 53 35.46 21.76 -10.30
C SER B 53 34.00 21.69 -9.89
N PHE B 54 33.10 22.28 -10.69
CA PHE B 54 31.68 22.28 -10.36
C PHE B 54 31.08 20.88 -10.30
N LEU B 55 31.81 19.86 -10.75
CA LEU B 55 31.36 18.48 -10.66
C LEU B 55 31.54 17.90 -9.27
N LYS B 56 32.29 18.58 -8.39
CA LYS B 56 32.50 18.07 -7.03
C LYS B 56 31.21 18.01 -6.24
N THR B 57 30.21 18.81 -6.60
CA THR B 57 28.96 18.85 -5.86
C THR B 57 28.05 17.67 -6.16
N ILE B 58 28.23 17.01 -7.31
CA ILE B 58 27.35 15.92 -7.70
C ILE B 58 27.54 14.74 -6.75
N GLN B 59 26.45 14.28 -6.14
CA GLN B 59 26.48 13.18 -5.20
C GLN B 59 25.70 11.96 -5.66
N GLU B 60 24.82 12.09 -6.64
CA GLU B 60 23.95 11.00 -7.06
C GLU B 60 23.55 11.21 -8.52
N VAL B 61 23.60 10.12 -9.29
CA VAL B 61 23.14 10.11 -10.68
C VAL B 61 22.11 9.01 -10.83
N ALA B 62 20.94 9.36 -11.39
CA ALA B 62 19.85 8.42 -11.53
C ALA B 62 19.92 7.61 -12.83
N GLY B 63 20.34 8.24 -13.92
CA GLY B 63 20.46 7.55 -15.19
C GLY B 63 21.80 6.87 -15.35
N TYR B 64 22.58 7.30 -16.35
CA TYR B 64 23.90 6.75 -16.59
C TYR B 64 24.94 7.86 -16.58
N VAL B 65 26.20 7.45 -16.47
CA VAL B 65 27.36 8.35 -16.52
C VAL B 65 28.21 7.93 -17.71
N LEU B 66 28.40 8.86 -18.63
CA LEU B 66 29.18 8.65 -19.85
C LEU B 66 30.31 9.67 -19.89
N ILE B 67 31.51 9.23 -19.57
CA ILE B 67 32.71 10.07 -19.60
C ILE B 67 33.47 9.69 -20.87
N ALA B 68 33.37 10.51 -21.91
CA ALA B 68 33.92 10.10 -23.19
C ALA B 68 34.52 11.27 -23.95
N LEU B 69 35.54 10.97 -24.74
CA LEU B 69 36.13 11.90 -25.70
C LEU B 69 36.68 13.16 -25.02
N ASN B 70 37.14 13.01 -23.78
CA ASN B 70 37.68 14.13 -23.01
C ASN B 70 39.20 14.06 -23.00
N THR B 71 39.84 15.21 -23.23
CA THR B 71 41.29 15.31 -23.09
C THR B 71 41.70 16.02 -21.79
N VAL B 72 40.73 16.43 -20.97
CA VAL B 72 41.05 17.13 -19.73
C VAL B 72 41.73 16.16 -18.77
N GLU B 73 42.63 16.68 -17.94
CA GLU B 73 43.46 15.84 -17.10
C GLU B 73 42.66 15.20 -15.98
N ARG B 74 41.81 15.98 -15.31
CA ARG B 74 41.10 15.50 -14.12
C ARG B 74 39.61 15.83 -14.21
N ILE B 75 38.79 14.89 -13.82
CA ILE B 75 37.34 15.05 -13.70
C ILE B 75 36.96 14.81 -12.25
N PRO B 76 36.77 15.84 -11.43
CA PRO B 76 36.64 15.71 -9.97
C PRO B 76 35.28 15.21 -9.52
N LEU B 77 35.00 13.93 -9.81
CA LEU B 77 33.78 13.29 -9.29
C LEU B 77 34.06 12.66 -7.93
N GLU B 78 34.50 13.51 -7.01
CA GLU B 78 34.98 13.05 -5.71
C GLU B 78 33.85 12.64 -4.78
N ASN B 79 32.68 13.26 -4.90
CA ASN B 79 31.58 13.01 -3.97
C ASN B 79 30.44 12.23 -4.60
N LEU B 80 30.62 11.71 -5.82
CA LEU B 80 29.62 10.84 -6.41
C LEU B 80 29.56 9.54 -5.64
N GLN B 81 28.37 9.19 -5.14
CA GLN B 81 28.19 8.00 -4.32
C GLN B 81 27.43 6.87 -5.00
N ILE B 82 26.43 7.18 -5.83
CA ILE B 82 25.55 6.17 -6.39
C ILE B 82 25.20 6.51 -7.83
N ILE B 83 25.14 5.49 -8.67
CA ILE B 83 24.64 5.60 -10.04
C ILE B 83 23.50 4.59 -10.14
N LYS B 84 22.26 5.09 -10.12
CA LYS B 84 21.12 4.18 -10.02
C LYS B 84 20.95 3.32 -11.27
N GLY B 85 21.31 3.84 -12.44
CA GLY B 85 21.21 3.06 -13.65
C GLY B 85 19.81 2.85 -14.16
N ASN B 86 18.91 3.81 -13.94
CA ASN B 86 17.56 3.72 -14.49
C ASN B 86 17.59 3.71 -16.01
N MET B 87 18.59 4.35 -16.61
CA MET B 87 18.83 4.30 -18.05
C MET B 87 20.24 3.81 -18.30
N TYR B 88 20.42 3.08 -19.39
CA TYR B 88 21.70 2.48 -19.73
C TYR B 88 22.25 3.08 -21.02
N TYR B 89 23.58 3.19 -21.08
CA TYR B 89 24.27 3.59 -22.29
C TYR B 89 24.52 2.36 -23.15
N GLU B 90 24.08 2.41 -24.42
CA GLU B 90 24.15 1.28 -25.33
C GLU B 90 23.44 0.05 -24.77
N ASN B 91 22.41 0.29 -23.94
CA ASN B 91 21.50 -0.73 -23.45
C ASN B 91 22.16 -1.74 -22.51
N SER B 92 23.30 -1.41 -21.91
CA SER B 92 23.98 -2.41 -21.09
C SER B 92 24.95 -1.82 -20.07
N TYR B 93 25.29 -0.55 -20.19
CA TYR B 93 26.30 0.06 -19.32
C TYR B 93 25.71 1.25 -18.58
N ALA B 94 25.89 1.26 -17.25
CA ALA B 94 25.55 2.42 -16.44
C ALA B 94 26.69 3.43 -16.40
N LEU B 95 27.92 2.97 -16.22
CA LEU B 95 29.10 3.82 -16.25
C LEU B 95 29.97 3.42 -17.43
N ALA B 96 30.25 4.38 -18.31
CA ALA B 96 31.06 4.12 -19.50
C ALA B 96 32.07 5.24 -19.68
N VAL B 97 33.35 4.90 -19.57
CA VAL B 97 34.45 5.85 -19.75
C VAL B 97 35.22 5.40 -20.98
N LEU B 98 35.12 6.18 -22.06
CA LEU B 98 35.50 5.72 -23.40
C LEU B 98 36.33 6.76 -24.13
N SER B 99 37.46 6.31 -24.69
CA SER B 99 38.22 7.05 -25.70
C SER B 99 38.51 8.50 -25.27
N ASN B 100 39.14 8.63 -24.10
CA ASN B 100 39.45 9.94 -23.54
C ASN B 100 40.91 10.29 -23.82
N TYR B 101 41.18 10.63 -25.08
CA TYR B 101 42.56 10.90 -25.48
C TYR B 101 42.58 11.89 -26.64
N ASP B 102 43.79 12.36 -26.94
CA ASP B 102 44.08 13.28 -28.03
C ASP B 102 45.01 12.60 -29.03
N ALA B 103 45.46 13.37 -30.02
CA ALA B 103 46.38 12.84 -31.01
C ALA B 103 47.74 12.52 -30.39
N ASN B 104 48.21 13.35 -29.46
CA ASN B 104 49.49 13.13 -28.80
C ASN B 104 49.32 12.10 -27.68
N LYS B 105 48.27 11.28 -27.76
CA LYS B 105 47.84 10.33 -26.73
C LYS B 105 47.89 10.94 -25.33
N THR B 106 47.68 12.26 -25.26
CA THR B 106 47.42 12.95 -24.00
C THR B 106 45.93 12.91 -23.71
N GLY B 107 45.59 12.85 -22.43
CA GLY B 107 44.18 12.80 -22.08
C GLY B 107 43.89 12.69 -20.60
N LEU B 108 42.77 12.04 -20.27
CA LEU B 108 42.33 11.92 -18.88
C LEU B 108 43.33 11.11 -18.07
N LYS B 109 43.78 11.69 -16.96
CA LYS B 109 44.71 11.03 -16.05
C LYS B 109 44.11 10.65 -14.71
N GLU B 110 43.28 11.51 -14.14
CA GLU B 110 42.76 11.32 -12.79
C GLU B 110 41.24 11.35 -12.81
N LEU B 111 40.62 10.29 -12.30
CA LEU B 111 39.17 10.19 -12.13
C LEU B 111 38.91 9.85 -10.68
N PRO B 112 39.06 10.83 -9.77
CA PRO B 112 39.11 10.55 -8.32
C PRO B 112 37.73 10.31 -7.70
N MET B 113 37.11 9.18 -8.07
CA MET B 113 35.80 8.83 -7.53
C MET B 113 35.96 8.01 -6.25
N ARG B 114 36.53 8.67 -5.24
CA ARG B 114 36.84 8.00 -3.98
C ARG B 114 35.60 7.64 -3.17
N ASN B 115 34.41 8.09 -3.58
CA ASN B 115 33.20 7.87 -2.82
C ASN B 115 32.14 7.07 -3.59
N LEU B 116 32.47 6.57 -4.78
CA LEU B 116 31.53 5.76 -5.56
C LEU B 116 31.52 4.35 -5.00
N GLN B 117 30.45 3.99 -4.28
CA GLN B 117 30.35 2.68 -3.65
C GLN B 117 29.31 1.75 -4.28
N GLU B 118 28.31 2.27 -4.99
CA GLU B 118 27.34 1.41 -5.63
C GLU B 118 26.88 1.96 -6.97
N ILE B 119 26.59 1.02 -7.88
CA ILE B 119 25.82 1.25 -9.09
C ILE B 119 24.68 0.24 -9.05
N LEU B 120 23.46 0.73 -8.79
CA LEU B 120 22.33 -0.17 -8.55
C LEU B 120 22.11 -1.12 -9.72
N HIS B 121 21.80 -0.59 -10.89
CA HIS B 121 21.56 -1.39 -12.08
C HIS B 121 22.52 -0.94 -13.18
N GLY B 122 23.03 -1.90 -13.94
CA GLY B 122 23.89 -1.58 -15.05
C GLY B 122 25.29 -2.14 -14.91
N ALA B 123 26.01 -2.23 -16.03
CA ALA B 123 27.40 -2.67 -16.04
C ALA B 123 28.31 -1.48 -16.25
N VAL B 124 29.61 -1.71 -16.21
CA VAL B 124 30.62 -0.66 -16.35
C VAL B 124 31.52 -1.01 -17.52
N ARG B 125 31.93 0.02 -18.27
CA ARG B 125 32.81 -0.18 -19.42
C ARG B 125 33.92 0.87 -19.41
N PHE B 126 35.16 0.40 -19.59
CA PHE B 126 36.34 1.25 -19.71
C PHE B 126 37.12 0.78 -20.92
N SER B 127 37.40 1.70 -21.85
CA SER B 127 38.14 1.31 -23.05
C SER B 127 38.80 2.53 -23.67
N ASN B 128 39.99 2.30 -24.24
CA ASN B 128 40.73 3.30 -25.02
C ASN B 128 40.99 4.57 -24.21
N ASN B 129 41.24 4.41 -22.90
CA ASN B 129 41.67 5.52 -22.06
C ASN B 129 43.15 5.31 -21.74
N PRO B 130 44.07 5.93 -22.49
CA PRO B 130 45.49 5.59 -22.39
C PRO B 130 46.27 6.29 -21.30
N ALA B 131 45.71 7.31 -20.65
CA ALA B 131 46.39 8.00 -19.57
C ALA B 131 45.70 7.84 -18.22
N LEU B 132 44.60 7.09 -18.17
CA LEU B 132 43.84 6.91 -16.94
C LEU B 132 44.67 6.18 -15.90
N CYS B 133 45.01 6.87 -14.81
CA CYS B 133 45.86 6.32 -13.77
C CYS B 133 45.03 5.79 -12.61
N ASN B 134 45.53 4.71 -12.00
CA ASN B 134 45.07 4.22 -10.70
C ASN B 134 43.70 3.56 -10.73
N VAL B 135 42.86 3.90 -11.71
CA VAL B 135 41.49 3.38 -11.73
C VAL B 135 41.49 1.88 -12.00
N GLU B 136 42.53 1.37 -12.67
CA GLU B 136 42.61 -0.06 -12.97
C GLU B 136 42.52 -0.91 -11.71
N SER B 137 43.02 -0.41 -10.59
CA SER B 137 43.10 -1.20 -9.37
C SER B 137 41.74 -1.39 -8.69
N ILE B 138 40.71 -0.64 -9.09
CA ILE B 138 39.44 -0.68 -8.40
C ILE B 138 38.78 -2.05 -8.57
N GLN B 139 38.31 -2.60 -7.45
CA GLN B 139 37.58 -3.88 -7.45
C GLN B 139 36.10 -3.56 -7.61
N TRP B 140 35.65 -3.51 -8.86
CA TRP B 140 34.28 -3.11 -9.18
C TRP B 140 33.24 -4.10 -8.68
N ARG B 141 33.67 -5.25 -8.14
CA ARG B 141 32.73 -6.26 -7.67
C ARG B 141 32.01 -5.79 -6.42
N ASP B 142 32.63 -4.90 -5.65
CA ASP B 142 31.98 -4.26 -4.52
C ASP B 142 30.96 -3.23 -4.98
N ILE B 143 31.24 -2.54 -6.09
CA ILE B 143 30.44 -1.40 -6.53
C ILE B 143 29.24 -1.86 -7.36
N VAL B 144 29.45 -2.83 -8.25
CA VAL B 144 28.40 -3.23 -9.19
C VAL B 144 27.48 -4.24 -8.54
N SER B 145 26.26 -4.35 -9.07
CA SER B 145 25.35 -5.41 -8.65
C SER B 145 25.89 -6.76 -9.13
N SER B 146 25.45 -7.82 -8.44
CA SER B 146 25.97 -9.16 -8.75
C SER B 146 25.56 -9.61 -10.15
N ASP B 147 24.33 -9.31 -10.56
CA ASP B 147 23.84 -9.77 -11.85
C ASP B 147 24.62 -9.14 -13.00
N PHE B 148 24.53 -7.82 -13.13
CA PHE B 148 25.04 -7.12 -14.31
C PHE B 148 26.53 -7.34 -14.50
N LEU B 149 27.26 -7.67 -13.43
CA LEU B 149 28.67 -8.03 -13.49
C LEU B 149 28.96 -8.97 -14.66
N SER B 150 27.93 -9.70 -15.11
CA SER B 150 28.04 -10.58 -16.27
C SER B 150 28.77 -9.90 -17.42
N ASN B 151 28.25 -8.77 -17.90
CA ASN B 151 28.80 -8.16 -19.11
C ASN B 151 29.37 -6.78 -18.79
N MET B 152 30.52 -6.77 -18.12
CA MET B 152 31.29 -5.56 -17.86
C MET B 152 32.56 -5.59 -18.70
N SER B 153 32.79 -4.52 -19.46
CA SER B 153 33.89 -4.45 -20.42
C SER B 153 35.02 -3.61 -19.83
N MET B 154 36.05 -4.28 -19.32
CA MET B 154 37.22 -3.62 -18.73
C MET B 154 38.43 -3.84 -19.62
N ASP B 155 38.83 -2.80 -20.35
CA ASP B 155 40.08 -2.78 -21.10
C ASP B 155 40.92 -1.63 -20.55
N PHE B 156 41.69 -1.91 -19.50
CA PHE B 156 42.60 -0.94 -18.92
C PHE B 156 43.97 -1.10 -19.57
N GLN B 157 44.52 0.02 -20.03
CA GLN B 157 45.81 -0.03 -20.72
C GLN B 157 46.46 1.35 -20.71
N ASN B 158 47.02 1.75 -19.57
CA ASN B 158 47.73 3.01 -19.44
C ASN B 158 49.14 2.83 -19.99
N HIS B 159 49.38 3.36 -21.20
CA HIS B 159 50.67 3.16 -21.86
C HIS B 159 51.82 3.70 -21.04
N LEU B 160 51.60 4.82 -20.33
CA LEU B 160 52.70 5.50 -19.67
C LEU B 160 53.29 4.64 -18.56
N GLY B 161 52.43 4.10 -17.68
CA GLY B 161 52.89 3.50 -16.45
C GLY B 161 53.47 4.47 -15.47
N SER B 162 53.68 5.72 -15.88
CA SER B 162 54.20 6.77 -15.02
C SER B 162 53.09 7.38 -14.18
N CYS B 163 52.29 6.53 -13.56
CA CYS B 163 51.23 6.94 -12.65
C CYS B 163 51.61 6.51 -11.25
N GLN B 164 51.45 7.42 -10.29
CA GLN B 164 51.85 7.15 -8.91
C GLN B 164 51.10 5.94 -8.38
N LYS B 165 51.73 5.24 -7.43
CA LYS B 165 51.17 4.03 -6.87
C LYS B 165 50.22 4.37 -5.72
N CYS B 166 49.22 3.52 -5.53
CA CYS B 166 48.26 3.71 -4.46
C CYS B 166 48.94 3.65 -3.11
N ASP B 167 48.43 4.44 -2.16
CA ASP B 167 48.97 4.47 -0.82
C ASP B 167 48.87 3.08 -0.19
N PRO B 168 49.85 2.68 0.62
CA PRO B 168 49.82 1.34 1.22
C PRO B 168 48.55 1.03 2.01
N SER B 169 47.93 2.05 2.62
CA SER B 169 46.74 1.81 3.43
C SER B 169 45.56 1.34 2.61
N CYS B 170 45.56 1.58 1.30
CA CYS B 170 44.44 1.18 0.47
C CYS B 170 44.25 -0.34 0.53
N PRO B 171 43.01 -0.81 0.58
CA PRO B 171 42.79 -2.25 0.75
C PRO B 171 43.01 -3.02 -0.54
N ASN B 172 43.75 -4.12 -0.45
CA ASN B 172 44.10 -4.96 -1.60
C ASN B 172 44.81 -4.16 -2.69
N GLY B 173 45.48 -3.08 -2.31
CA GLY B 173 46.17 -2.24 -3.27
C GLY B 173 45.25 -1.56 -4.26
N SER B 174 44.02 -1.25 -3.86
CA SER B 174 43.01 -0.68 -4.74
C SER B 174 42.72 0.77 -4.34
N CYS B 175 42.85 1.68 -5.31
CA CYS B 175 42.59 3.09 -5.06
C CYS B 175 42.06 3.73 -6.34
N TRP B 176 41.52 4.93 -6.18
CA TRP B 176 41.08 5.73 -7.32
C TRP B 176 42.13 6.74 -7.77
N GLY B 177 43.11 7.06 -6.92
CA GLY B 177 44.13 8.01 -7.28
C GLY B 177 45.18 8.08 -6.19
N ALA B 178 46.08 9.06 -6.35
CA ALA B 178 47.18 9.20 -5.41
C ALA B 178 46.68 9.69 -4.06
N GLY B 179 47.24 9.14 -2.99
CA GLY B 179 46.95 9.56 -1.64
C GLY B 179 46.05 8.56 -0.91
N GLU B 180 46.10 8.63 0.42
CA GLU B 180 45.17 7.85 1.24
C GLU B 180 43.74 8.32 1.03
N GLU B 181 43.56 9.61 0.71
CA GLU B 181 42.30 10.17 0.25
C GLU B 181 41.59 9.23 -0.70
N ASN B 182 42.24 8.94 -1.83
CA ASN B 182 41.63 8.27 -2.96
C ASN B 182 41.70 6.74 -2.85
N CYS B 183 41.92 6.20 -1.66
CA CYS B 183 41.80 4.77 -1.46
C CYS B 183 40.38 4.32 -1.77
N GLN B 184 40.23 3.03 -2.06
CA GLN B 184 38.91 2.47 -2.28
C GLN B 184 38.26 2.13 -0.94
N LYS B 185 36.95 2.37 -0.86
CA LYS B 185 36.15 2.05 0.31
C LYS B 185 35.23 0.88 -0.02
N LEU B 186 35.29 -0.17 0.78
CA LEU B 186 34.58 -1.41 0.51
C LEU B 186 33.43 -1.56 1.50
N THR B 187 32.21 -1.72 0.97
CA THR B 187 31.03 -1.92 1.79
C THR B 187 30.20 -3.13 1.36
N LYS B 188 30.75 -4.01 0.52
CA LYS B 188 30.01 -5.19 0.09
C LYS B 188 30.81 -6.47 0.28
N ILE B 189 32.02 -6.54 -0.29
CA ILE B 189 32.81 -7.75 -0.21
C ILE B 189 33.35 -7.95 1.21
N ILE B 190 33.60 -6.86 1.93
CA ILE B 190 34.16 -6.94 3.28
C ILE B 190 33.11 -7.24 4.34
N CYS B 191 31.84 -7.37 3.95
CA CYS B 191 30.75 -7.51 4.90
C CYS B 191 30.85 -8.84 5.67
N ALA B 192 30.03 -8.94 6.71
CA ALA B 192 29.94 -10.13 7.54
C ALA B 192 29.20 -11.24 6.82
N GLN B 193 29.18 -12.42 7.44
CA GLN B 193 28.51 -13.57 6.87
C GLN B 193 27.00 -13.35 6.87
N GLN B 194 26.37 -13.62 5.72
CA GLN B 194 24.92 -13.50 5.56
C GLN B 194 24.42 -12.12 5.98
N CYS B 195 25.09 -11.08 5.47
CA CYS B 195 24.70 -9.71 5.76
C CYS B 195 23.43 -9.36 4.97
N SER B 196 22.61 -8.49 5.57
CA SER B 196 21.34 -8.13 4.97
C SER B 196 21.54 -7.41 3.65
N GLY B 197 22.41 -6.41 3.63
CA GLY B 197 22.70 -5.67 2.42
C GLY B 197 24.15 -5.26 2.32
N ARG B 198 24.52 -4.21 3.06
CA ARG B 198 25.91 -3.78 3.08
C ARG B 198 26.39 -3.60 4.51
N CYS B 199 27.57 -3.00 4.69
CA CYS B 199 28.17 -2.96 6.01
C CYS B 199 29.07 -1.75 6.16
N ARG B 200 29.17 -1.25 7.40
CA ARG B 200 30.11 -0.21 7.76
C ARG B 200 31.44 -0.76 8.27
N GLY B 201 31.52 -2.06 8.59
CA GLY B 201 32.75 -2.61 9.10
C GLY B 201 32.86 -4.11 8.86
N LYS B 202 33.99 -4.65 9.30
CA LYS B 202 34.27 -6.08 9.15
C LYS B 202 33.56 -6.92 10.20
N SER B 203 33.34 -6.34 11.39
CA SER B 203 32.71 -7.08 12.47
C SER B 203 31.29 -7.49 12.11
N PRO B 204 30.80 -8.61 12.63
CA PRO B 204 29.44 -9.06 12.29
C PRO B 204 28.35 -8.08 12.69
N SER B 205 28.59 -7.22 13.66
CA SER B 205 27.58 -6.26 14.12
C SER B 205 27.57 -4.96 13.33
N ASP B 206 28.34 -4.89 12.23
CA ASP B 206 28.49 -3.67 11.47
C ASP B 206 27.67 -3.68 10.17
N CYS B 207 26.71 -4.58 10.05
CA CYS B 207 25.90 -4.65 8.85
C CYS B 207 24.96 -3.44 8.74
N CYS B 208 24.47 -3.21 7.53
CA CYS B 208 23.52 -2.14 7.26
C CYS B 208 22.12 -2.71 7.09
N HIS B 209 21.12 -1.82 7.15
CA HIS B 209 19.75 -2.18 6.86
C HIS B 209 19.59 -2.45 5.37
N ASN B 210 18.66 -3.35 5.02
CA ASN B 210 18.57 -3.81 3.64
C ASN B 210 18.22 -2.68 2.65
N GLN B 211 17.74 -1.54 3.13
CA GLN B 211 17.47 -0.39 2.28
C GLN B 211 18.58 0.65 2.32
N CYS B 212 19.69 0.36 2.99
CA CYS B 212 20.90 1.16 2.82
C CYS B 212 21.48 0.88 1.45
N ALA B 213 21.94 1.93 0.76
CA ALA B 213 22.44 1.79 -0.60
C ALA B 213 23.96 1.81 -0.67
N ALA B 214 24.59 2.91 -0.26
CA ALA B 214 26.03 3.00 -0.32
C ALA B 214 26.71 2.49 0.94
N GLY B 215 26.07 2.64 2.09
CA GLY B 215 26.65 2.24 3.36
C GLY B 215 25.80 2.77 4.49
N CYS B 216 26.38 2.73 5.69
CA CYS B 216 25.65 3.20 6.86
C CYS B 216 26.61 3.77 7.89
N THR B 217 26.11 4.73 8.67
CA THR B 217 26.83 5.25 9.82
C THR B 217 26.64 4.41 11.07
N GLY B 218 25.66 3.51 11.06
CA GLY B 218 25.40 2.63 12.18
C GLY B 218 24.74 1.35 11.72
N PRO B 219 23.74 0.90 12.46
CA PRO B 219 23.03 -0.34 12.06
C PRO B 219 21.56 -0.14 11.75
N ARG B 220 21.11 1.09 11.56
CA ARG B 220 19.68 1.39 11.48
C ARG B 220 19.30 1.89 10.10
N GLU B 221 17.98 1.99 9.88
CA GLU B 221 17.46 2.50 8.62
C GLU B 221 17.70 4.00 8.47
N SER B 222 17.70 4.74 9.58
CA SER B 222 18.04 6.15 9.54
C SER B 222 19.54 6.38 9.37
N ASP B 223 20.35 5.33 9.49
CA ASP B 223 21.80 5.46 9.42
C ASP B 223 22.34 5.26 8.01
N CYS B 224 21.50 5.01 7.02
CA CYS B 224 21.96 4.73 5.67
C CYS B 224 22.60 5.96 5.04
N LEU B 225 23.74 5.77 4.38
CA LEU B 225 24.34 6.85 3.60
C LEU B 225 23.42 7.28 2.47
N VAL B 226 22.84 6.31 1.75
CA VAL B 226 21.91 6.58 0.65
C VAL B 226 20.77 5.58 0.77
N CYS B 227 19.55 6.06 0.55
CA CYS B 227 18.37 5.19 0.61
C CYS B 227 18.23 4.40 -0.68
N ARG B 228 17.96 3.10 -0.54
CA ARG B 228 17.83 2.23 -1.71
C ARG B 228 16.61 2.59 -2.54
N LYS B 229 15.43 2.62 -1.92
CA LYS B 229 14.18 2.84 -2.65
C LYS B 229 13.56 4.19 -2.30
N PHE B 230 13.05 4.37 -1.08
CA PHE B 230 12.37 5.59 -0.71
C PHE B 230 13.04 6.23 0.50
N ARG B 231 12.95 7.56 0.57
CA ARG B 231 13.43 8.33 1.73
C ARG B 231 12.26 9.08 2.34
N ASP B 232 11.72 8.54 3.43
CA ASP B 232 10.72 9.23 4.24
C ASP B 232 11.47 10.12 5.22
N GLU B 233 11.78 11.33 4.77
CA GLU B 233 12.39 12.39 5.57
C GLU B 233 13.40 11.86 6.57
N ALA B 234 14.54 11.39 6.06
CA ALA B 234 15.68 10.87 6.81
C ALA B 234 15.49 9.45 7.33
N THR B 235 14.52 8.71 6.80
CA THR B 235 14.37 7.29 7.10
C THR B 235 14.17 6.53 5.80
N CYS B 236 15.08 5.61 5.48
CA CYS B 236 14.97 4.84 4.25
C CYS B 236 13.92 3.74 4.41
N LYS B 237 13.00 3.68 3.45
CA LYS B 237 11.89 2.75 3.52
C LYS B 237 11.58 2.18 2.14
N ASP B 238 10.97 0.99 2.15
CA ASP B 238 10.58 0.31 0.91
C ASP B 238 9.48 1.07 0.18
N THR B 239 8.40 1.38 0.88
CA THR B 239 7.29 2.15 0.32
C THR B 239 6.90 3.23 1.31
N CYS B 240 6.49 4.39 0.79
CA CYS B 240 6.03 5.46 1.65
C CYS B 240 4.87 4.96 2.51
N PRO B 241 4.78 5.39 3.76
CA PRO B 241 3.71 4.91 4.65
C PRO B 241 2.35 5.10 4.01
N PRO B 242 1.56 4.03 3.90
CA PRO B 242 0.23 4.15 3.29
C PRO B 242 -0.63 5.14 4.05
N LEU B 243 -1.43 5.92 3.31
CA LEU B 243 -2.31 6.88 3.94
C LEU B 243 -3.32 6.20 4.86
N MET B 244 -3.73 4.98 4.52
CA MET B 244 -4.63 4.20 5.36
C MET B 244 -4.07 2.81 5.56
N LEU B 245 -4.43 2.22 6.70
CA LEU B 245 -3.94 0.92 7.14
C LEU B 245 -5.12 -0.03 7.32
N TYR B 246 -4.97 -1.27 6.85
CA TYR B 246 -6.00 -2.26 7.12
C TYR B 246 -5.94 -2.71 8.57
N ASN B 247 -7.11 -2.95 9.16
CA ASN B 247 -7.19 -3.47 10.51
C ASN B 247 -7.52 -4.95 10.44
N PRO B 248 -6.61 -5.85 10.84
CA PRO B 248 -6.95 -7.28 10.79
C PRO B 248 -8.01 -7.69 11.80
N THR B 249 -8.07 -7.02 12.95
CA THR B 249 -9.07 -7.36 13.96
C THR B 249 -10.46 -6.90 13.52
N THR B 250 -10.60 -5.61 13.20
CA THR B 250 -11.84 -5.06 12.67
C THR B 250 -11.69 -4.97 11.16
N TYR B 251 -12.37 -5.88 10.44
CA TYR B 251 -12.25 -6.00 9.00
C TYR B 251 -12.63 -4.71 8.27
N GLN B 252 -11.93 -3.62 8.58
CA GLN B 252 -12.20 -2.30 8.01
C GLN B 252 -10.90 -1.53 7.94
N MET B 253 -10.89 -0.49 7.11
CA MET B 253 -9.71 0.34 6.95
C MET B 253 -9.70 1.47 7.97
N ASP B 254 -8.51 1.85 8.39
CA ASP B 254 -8.28 2.88 9.39
C ASP B 254 -7.28 3.89 8.83
N VAL B 255 -7.11 4.99 9.54
CA VAL B 255 -6.25 6.09 9.09
C VAL B 255 -4.86 5.91 9.71
N ASN B 256 -3.82 6.07 8.88
CA ASN B 256 -2.45 6.02 9.36
C ASN B 256 -1.99 7.43 9.70
N PRO B 257 -1.64 7.72 10.95
CA PRO B 257 -1.07 9.05 11.25
C PRO B 257 0.26 9.28 10.56
N GLU B 258 1.09 8.25 10.48
CA GLU B 258 2.39 8.32 9.83
C GLU B 258 2.25 8.33 8.30
N GLY B 259 1.02 8.20 7.78
CA GLY B 259 0.76 8.18 6.35
C GLY B 259 1.47 9.27 5.57
N LYS B 260 1.77 9.02 4.31
CA LYS B 260 2.71 9.88 3.61
C LYS B 260 2.52 9.71 2.10
N TYR B 261 2.53 10.82 1.37
CA TYR B 261 2.42 10.78 -0.08
C TYR B 261 3.76 10.44 -0.73
N SER B 262 3.70 9.94 -1.95
CA SER B 262 4.88 9.53 -2.71
C SER B 262 5.17 10.57 -3.79
N PHE B 263 6.43 11.00 -3.86
CA PHE B 263 6.90 11.96 -4.86
C PHE B 263 8.29 11.52 -5.30
N GLY B 264 8.38 10.86 -6.44
CA GLY B 264 9.65 10.31 -6.86
C GLY B 264 10.11 9.25 -5.87
N ALA B 265 11.34 9.41 -5.38
CA ALA B 265 11.88 8.55 -4.34
C ALA B 265 11.73 9.14 -2.95
N THR B 266 10.98 10.23 -2.82
CA THR B 266 10.80 10.90 -1.54
C THR B 266 9.38 10.68 -1.02
N CYS B 267 9.26 10.66 0.30
CA CYS B 267 7.96 10.61 0.97
C CYS B 267 7.68 12.00 1.52
N VAL B 268 6.60 12.61 1.05
CA VAL B 268 6.28 14.01 1.35
C VAL B 268 4.90 14.08 1.99
N LYS B 269 4.74 15.02 2.92
CA LYS B 269 3.48 15.20 3.62
C LYS B 269 2.42 15.85 2.74
N LYS B 270 2.82 16.52 1.68
CA LYS B 270 1.88 17.14 0.74
C LYS B 270 2.50 17.10 -0.65
N CYS B 271 1.66 16.84 -1.66
CA CYS B 271 2.12 16.83 -3.02
C CYS B 271 2.55 18.23 -3.46
N PRO B 272 3.50 18.33 -4.39
CA PRO B 272 3.88 19.64 -4.93
C PRO B 272 2.68 20.36 -5.54
N ARG B 273 2.93 21.62 -5.92
CA ARG B 273 1.85 22.50 -6.33
C ARG B 273 1.13 21.97 -7.57
N ASN B 274 1.84 21.84 -8.69
CA ASN B 274 1.19 21.53 -9.95
C ASN B 274 0.81 20.05 -10.10
N TYR B 275 1.48 19.16 -9.37
CA TYR B 275 1.19 17.74 -9.54
C TYR B 275 -0.15 17.38 -8.89
N VAL B 276 -0.72 16.27 -9.35
CA VAL B 276 -2.07 15.87 -8.97
C VAL B 276 -1.99 14.62 -8.09
N VAL B 277 -2.81 14.58 -7.04
CA VAL B 277 -2.74 13.54 -6.03
C VAL B 277 -3.82 12.50 -6.29
N THR B 278 -3.44 11.22 -6.28
CA THR B 278 -4.39 10.14 -6.37
C THR B 278 -4.91 9.78 -4.98
N ASP B 279 -6.04 9.06 -4.95
CA ASP B 279 -6.53 8.52 -3.69
C ASP B 279 -5.59 7.45 -3.15
N HIS B 280 -4.67 6.96 -3.97
CA HIS B 280 -3.65 6.02 -3.50
C HIS B 280 -2.65 6.68 -2.56
N GLY B 281 -2.61 8.01 -2.53
CA GLY B 281 -1.57 8.71 -1.81
C GLY B 281 -0.31 8.80 -2.63
N SER B 282 -0.44 9.22 -3.89
CA SER B 282 0.67 9.28 -4.82
C SER B 282 0.54 10.53 -5.68
N CYS B 283 1.64 11.26 -5.85
CA CYS B 283 1.67 12.48 -6.63
C CYS B 283 2.09 12.14 -8.05
N VAL B 284 1.14 12.17 -8.98
CA VAL B 284 1.41 11.85 -10.38
C VAL B 284 1.32 13.13 -11.20
N ARG B 285 1.86 13.04 -12.42
CA ARG B 285 1.80 14.14 -13.38
C ARG B 285 0.55 14.12 -14.23
N ALA B 286 -0.18 12.99 -14.28
CA ALA B 286 -1.38 12.92 -15.11
C ALA B 286 -2.25 11.76 -14.62
N CYS B 287 -3.55 12.00 -14.55
CA CYS B 287 -4.50 10.94 -14.23
C CYS B 287 -4.81 10.13 -15.48
N GLY B 288 -5.01 8.83 -15.28
CA GLY B 288 -5.25 7.93 -16.39
C GLY B 288 -6.55 8.19 -17.12
N ALA B 289 -6.72 7.48 -18.23
CA ALA B 289 -7.94 7.60 -19.00
C ALA B 289 -9.16 7.19 -18.18
N ASP B 290 -8.96 6.34 -17.18
CA ASP B 290 -9.99 5.97 -16.23
C ASP B 290 -10.37 7.09 -15.27
N SER B 291 -9.63 8.20 -15.26
CA SER B 291 -9.80 9.22 -14.25
C SER B 291 -9.74 10.60 -14.87
N TYR B 292 -10.01 11.61 -14.04
CA TYR B 292 -9.93 13.01 -14.46
C TYR B 292 -9.50 13.86 -13.26
N GLU B 293 -8.92 15.02 -13.58
CA GLU B 293 -8.41 15.93 -12.57
C GLU B 293 -9.47 16.93 -12.16
N MET B 294 -9.54 17.23 -10.86
CA MET B 294 -10.40 18.33 -10.41
C MET B 294 -9.83 18.88 -9.11
N GLU B 295 -10.50 19.90 -8.56
CA GLU B 295 -10.04 20.57 -7.34
C GLU B 295 -11.03 20.30 -6.21
N GLU B 296 -10.65 19.40 -5.31
CA GLU B 296 -11.39 19.12 -4.09
C GLU B 296 -10.59 19.64 -2.90
N ASP B 297 -11.27 20.33 -1.98
CA ASP B 297 -10.66 20.81 -0.73
C ASP B 297 -9.40 21.63 -0.99
N GLY B 298 -9.34 22.31 -2.12
CA GLY B 298 -8.23 23.16 -2.46
C GLY B 298 -7.06 22.48 -3.12
N VAL B 299 -7.14 21.18 -3.40
CA VAL B 299 -6.08 20.46 -4.07
C VAL B 299 -6.64 19.80 -5.32
N ARG B 300 -5.86 19.81 -6.40
CA ARG B 300 -6.23 18.98 -7.54
C ARG B 300 -5.92 17.52 -7.26
N LYS B 301 -6.93 16.69 -7.43
CA LYS B 301 -6.85 15.26 -7.23
C LYS B 301 -7.44 14.53 -8.43
N CYS B 302 -6.99 13.29 -8.61
CA CYS B 302 -7.59 12.38 -9.56
C CYS B 302 -8.89 11.82 -8.98
N LYS B 303 -9.92 11.78 -9.82
CA LYS B 303 -11.20 11.21 -9.45
C LYS B 303 -11.62 10.25 -10.55
N LYS B 304 -12.15 9.09 -10.14
CA LYS B 304 -12.60 8.10 -11.11
C LYS B 304 -13.72 8.68 -11.97
N CYS B 305 -13.78 8.21 -13.21
CA CYS B 305 -14.68 8.78 -14.20
C CYS B 305 -16.14 8.52 -13.84
N GLU B 306 -17.00 9.46 -14.23
CA GLU B 306 -18.44 9.21 -14.11
C GLU B 306 -18.88 8.11 -15.06
N GLY B 307 -18.25 8.05 -16.23
CA GLY B 307 -18.69 7.20 -17.31
C GLY B 307 -18.30 7.78 -18.67
N PRO B 308 -18.79 9.00 -18.97
CA PRO B 308 -18.45 9.60 -20.27
C PRO B 308 -17.25 10.54 -20.22
N CYS B 309 -16.08 10.02 -19.87
CA CYS B 309 -14.89 10.85 -19.85
C CYS B 309 -14.38 11.12 -21.26
N ARG B 310 -13.36 11.97 -21.33
CA ARG B 310 -12.77 12.43 -22.58
C ARG B 310 -11.51 11.62 -22.88
N LYS B 311 -11.24 11.44 -24.16
CA LYS B 311 -10.12 10.60 -24.59
C LYS B 311 -8.79 11.24 -24.20
N VAL B 312 -7.93 10.45 -23.58
CA VAL B 312 -6.60 10.89 -23.16
C VAL B 312 -5.57 10.06 -23.93
N CYS B 313 -4.57 10.74 -24.50
CA CYS B 313 -3.59 10.09 -25.36
C CYS B 313 -2.19 10.37 -24.85
N ASN B 314 -1.32 9.37 -24.94
CA ASN B 314 0.06 9.52 -24.51
C ASN B 314 0.81 10.50 -25.41
N GLY B 315 1.66 11.31 -24.81
CA GLY B 315 2.43 12.28 -25.54
C GLY B 315 3.64 11.67 -26.24
N ILE B 316 4.36 12.51 -26.97
CA ILE B 316 5.55 12.07 -27.67
C ILE B 316 6.61 11.65 -26.66
N GLY B 317 7.22 10.50 -26.90
CA GLY B 317 8.25 9.97 -26.04
C GLY B 317 7.81 8.84 -25.12
N ILE B 318 6.52 8.56 -25.06
CA ILE B 318 5.98 7.53 -24.18
C ILE B 318 5.06 6.61 -24.98
N GLY B 319 5.09 5.33 -24.63
CA GLY B 319 4.15 4.37 -25.23
C GLY B 319 4.59 3.96 -26.62
N GLU B 320 3.63 3.95 -27.56
CA GLU B 320 3.93 3.67 -28.95
C GLU B 320 4.79 4.75 -29.60
N PHE B 321 5.07 5.85 -28.88
CA PHE B 321 5.81 6.98 -29.42
C PHE B 321 7.20 7.07 -28.80
N LYS B 322 7.74 5.92 -28.42
CA LYS B 322 8.87 5.80 -27.50
C LYS B 322 10.01 6.76 -27.81
N ASP B 323 10.77 6.49 -28.87
CA ASP B 323 11.79 7.42 -29.36
C ASP B 323 11.34 7.95 -30.72
N SER B 324 10.24 8.71 -30.69
CA SER B 324 9.79 9.48 -31.82
C SER B 324 10.19 10.94 -31.61
N LEU B 325 10.78 11.55 -32.64
CA LEU B 325 11.24 12.92 -32.48
C LEU B 325 10.09 13.92 -32.58
N SER B 326 9.10 13.63 -33.43
CA SER B 326 8.03 14.59 -33.68
C SER B 326 6.77 13.84 -34.10
N ILE B 327 5.63 14.54 -34.00
CA ILE B 327 4.40 14.05 -34.59
C ILE B 327 4.60 13.94 -36.09
N ASN B 328 4.11 12.85 -36.67
CA ASN B 328 4.52 12.56 -38.04
C ASN B 328 3.54 11.55 -38.64
N ALA B 329 3.61 11.41 -39.97
CA ALA B 329 2.59 10.68 -40.71
C ALA B 329 2.39 9.26 -40.20
N THR B 330 3.41 8.68 -39.56
CA THR B 330 3.26 7.34 -39.01
C THR B 330 2.46 7.35 -37.72
N ASN B 331 2.63 8.38 -36.89
CA ASN B 331 2.02 8.43 -35.57
C ASN B 331 0.86 9.43 -35.45
N ILE B 332 0.65 10.29 -36.44
CA ILE B 332 -0.43 11.27 -36.36
C ILE B 332 -1.77 10.58 -36.20
N LYS B 333 -1.94 9.41 -36.81
CA LYS B 333 -3.22 8.70 -36.80
C LYS B 333 -3.71 8.47 -35.38
N HIS B 334 -2.79 8.21 -34.45
CA HIS B 334 -3.17 7.89 -33.07
C HIS B 334 -3.63 9.10 -32.27
N PHE B 335 -3.57 10.32 -32.82
CA PHE B 335 -4.09 11.51 -32.16
C PHE B 335 -5.45 11.95 -32.70
N LYS B 336 -6.29 11.02 -33.15
CA LYS B 336 -7.48 11.41 -33.90
C LYS B 336 -8.48 12.16 -33.02
N ASN B 337 -8.97 11.51 -31.96
CA ASN B 337 -10.03 12.08 -31.14
C ASN B 337 -9.58 12.42 -29.72
N CYS B 338 -8.28 12.67 -29.53
CA CYS B 338 -7.78 12.97 -28.19
C CYS B 338 -8.14 14.40 -27.78
N THR B 339 -8.52 14.55 -26.51
CA THR B 339 -8.78 15.86 -25.94
C THR B 339 -7.72 16.29 -24.91
N SER B 340 -7.03 15.33 -24.30
CA SER B 340 -5.95 15.60 -23.36
C SER B 340 -4.74 14.77 -23.74
N ILE B 341 -3.56 15.37 -23.61
CA ILE B 341 -2.30 14.72 -23.93
C ILE B 341 -1.53 14.53 -22.63
N SER B 342 -1.39 13.28 -22.20
CA SER B 342 -0.55 12.95 -21.04
C SER B 342 0.90 12.99 -21.47
N GLY B 343 1.49 14.18 -21.46
CA GLY B 343 2.87 14.31 -21.83
C GLY B 343 3.18 15.49 -22.73
N ASP B 344 3.99 15.25 -23.74
CA ASP B 344 4.59 16.30 -24.54
C ASP B 344 4.06 16.25 -25.98
N LEU B 345 4.28 17.34 -26.71
CA LEU B 345 3.98 17.39 -28.14
C LEU B 345 5.11 18.13 -28.85
N HIS B 346 5.84 17.41 -29.71
CA HIS B 346 6.93 17.97 -30.50
C HIS B 346 6.52 17.98 -31.97
N ILE B 347 6.70 19.13 -32.62
CA ILE B 347 6.53 19.26 -34.06
C ILE B 347 7.83 19.82 -34.60
N LEU B 348 8.60 18.99 -35.30
CA LEU B 348 9.90 19.34 -35.83
C LEU B 348 9.90 19.28 -37.36
N PRO B 349 10.80 20.01 -38.02
CA PRO B 349 10.79 20.03 -39.49
C PRO B 349 11.02 18.66 -40.12
N VAL B 350 11.64 17.72 -39.41
CA VAL B 350 11.89 16.40 -39.97
C VAL B 350 10.58 15.70 -40.32
N ALA B 351 9.50 16.03 -39.61
CA ALA B 351 8.21 15.43 -39.90
C ALA B 351 7.70 15.88 -41.27
N PHE B 352 7.75 17.18 -41.53
CA PHE B 352 7.31 17.69 -42.82
C PHE B 352 8.26 17.29 -43.94
N ARG B 353 9.54 17.11 -43.60
CA ARG B 353 10.57 16.83 -44.60
C ARG B 353 10.73 15.35 -44.89
N GLY B 354 10.36 14.49 -43.94
CA GLY B 354 10.54 13.06 -44.08
C GLY B 354 11.91 12.60 -43.62
N ASP B 355 11.96 11.44 -42.96
CA ASP B 355 13.21 10.89 -42.44
C ASP B 355 13.45 9.51 -43.03
N SER B 356 14.64 9.31 -43.60
CA SER B 356 14.99 8.02 -44.16
C SER B 356 15.38 7.02 -43.08
N PHE B 357 15.98 7.49 -41.99
CA PHE B 357 16.57 6.61 -40.99
C PHE B 357 15.55 6.05 -40.02
N THR B 358 14.45 6.78 -39.78
CA THR B 358 13.31 6.23 -39.05
C THR B 358 12.25 5.66 -39.99
N HIS B 359 12.57 5.52 -41.27
CA HIS B 359 11.69 4.89 -42.27
C HIS B 359 10.31 5.56 -42.29
N THR B 360 10.28 6.88 -42.29
CA THR B 360 9.01 7.57 -42.11
C THR B 360 8.75 8.55 -43.25
N PRO B 361 7.61 8.44 -43.93
CA PRO B 361 7.31 9.32 -45.07
C PRO B 361 7.04 10.74 -44.62
N PRO B 362 7.01 11.70 -45.54
CA PRO B 362 6.67 13.07 -45.18
C PRO B 362 5.23 13.18 -44.67
N LEU B 363 4.99 14.20 -43.86
CA LEU B 363 3.68 14.43 -43.27
C LEU B 363 2.79 15.21 -44.22
N ASP B 364 1.58 14.72 -44.43
CA ASP B 364 0.57 15.51 -45.13
C ASP B 364 0.17 16.67 -44.23
N PRO B 365 0.25 17.92 -44.71
CA PRO B 365 -0.01 19.06 -43.80
C PRO B 365 -1.38 19.04 -43.16
N GLN B 366 -2.43 18.78 -43.95
CA GLN B 366 -3.79 18.86 -43.42
C GLN B 366 -4.12 17.77 -42.41
N GLU B 367 -3.30 16.72 -42.31
CA GLU B 367 -3.49 15.76 -41.23
C GLU B 367 -3.28 16.42 -39.88
N LEU B 368 -2.46 17.48 -39.83
CA LEU B 368 -2.34 18.30 -38.62
C LEU B 368 -3.70 18.72 -38.09
N ASP B 369 -4.70 18.83 -38.96
CA ASP B 369 -6.03 19.27 -38.52
C ASP B 369 -6.67 18.34 -37.50
N ILE B 370 -6.14 17.12 -37.29
CA ILE B 370 -6.79 16.26 -36.30
C ILE B 370 -6.27 16.61 -34.92
N LEU B 371 -5.52 17.70 -34.80
CA LEU B 371 -5.10 18.21 -33.51
C LEU B 371 -5.99 19.34 -33.01
N LYS B 372 -7.06 19.67 -33.74
CA LYS B 372 -8.00 20.68 -33.28
C LYS B 372 -8.87 20.20 -32.14
N THR B 373 -8.86 18.89 -31.85
CA THR B 373 -9.62 18.32 -30.74
C THR B 373 -8.87 18.36 -29.42
N VAL B 374 -7.66 18.90 -29.40
CA VAL B 374 -6.80 18.87 -28.22
C VAL B 374 -7.05 20.13 -27.40
N LYS B 375 -7.38 19.95 -26.12
CA LYS B 375 -7.66 21.06 -25.22
C LYS B 375 -6.73 21.13 -24.02
N GLU B 376 -5.94 20.09 -23.75
CA GLU B 376 -5.10 20.05 -22.57
C GLU B 376 -3.83 19.29 -22.89
N ILE B 377 -2.70 19.82 -22.42
CA ILE B 377 -1.40 19.16 -22.52
C ILE B 377 -0.76 19.19 -21.14
N THR B 378 -0.48 18.01 -20.59
CA THR B 378 0.14 17.93 -19.27
C THR B 378 1.59 18.35 -19.26
N GLY B 379 2.24 18.43 -20.42
CA GLY B 379 3.63 18.82 -20.50
C GLY B 379 3.85 20.11 -21.28
N PHE B 380 4.73 20.05 -22.28
CA PHE B 380 5.09 21.23 -23.05
C PHE B 380 4.72 21.06 -24.52
N LEU B 381 4.60 22.19 -25.20
CA LEU B 381 4.33 22.24 -26.64
C LEU B 381 5.55 22.86 -27.32
N LEU B 382 6.29 22.03 -28.07
CA LEU B 382 7.48 22.47 -28.79
C LEU B 382 7.16 22.43 -30.28
N ILE B 383 6.92 23.60 -30.87
CA ILE B 383 6.65 23.73 -32.29
C ILE B 383 7.87 24.42 -32.90
N GLN B 384 8.68 23.63 -33.61
CA GLN B 384 9.81 24.16 -34.35
C GLN B 384 9.56 24.24 -35.85
N ALA B 385 8.45 23.66 -36.32
CA ALA B 385 8.08 23.74 -37.73
C ALA B 385 6.57 23.86 -37.83
N TRP B 386 6.13 24.41 -38.96
CA TRP B 386 4.72 24.60 -39.26
C TRP B 386 4.59 24.81 -40.75
N PRO B 387 3.47 24.41 -41.37
CA PRO B 387 3.28 24.68 -42.81
C PRO B 387 3.53 26.13 -43.14
N GLU B 388 4.50 26.38 -44.03
CA GLU B 388 4.96 27.73 -44.31
C GLU B 388 3.87 28.61 -44.91
N ASN B 389 2.86 28.02 -45.54
CA ASN B 389 1.79 28.78 -46.17
C ASN B 389 0.53 28.89 -45.31
N ARG B 390 0.62 28.58 -44.02
CA ARG B 390 -0.45 28.87 -43.08
C ARG B 390 0.03 29.90 -42.06
N THR B 391 -0.85 30.84 -41.71
CA THR B 391 -0.45 32.07 -41.02
C THR B 391 -0.62 32.02 -39.51
N ASP B 392 -1.34 31.04 -38.97
CA ASP B 392 -1.41 30.88 -37.52
C ASP B 392 -1.34 29.40 -37.16
N LEU B 393 -1.33 29.13 -35.85
CA LEU B 393 -1.37 27.76 -35.34
C LEU B 393 -2.83 27.31 -35.30
N HIS B 394 -3.31 26.88 -36.46
CA HIS B 394 -4.72 26.56 -36.61
C HIS B 394 -5.12 25.38 -35.74
N ALA B 395 -4.37 24.28 -35.82
CA ALA B 395 -4.74 23.05 -35.11
C ALA B 395 -4.81 23.26 -33.60
N PHE B 396 -4.10 24.25 -33.07
CA PHE B 396 -4.11 24.52 -31.63
C PHE B 396 -5.00 25.70 -31.28
N GLU B 397 -6.01 25.98 -32.11
CA GLU B 397 -6.96 27.04 -31.78
C GLU B 397 -7.78 26.68 -30.55
N ASN B 398 -8.05 25.40 -30.34
CA ASN B 398 -8.88 24.94 -29.23
C ASN B 398 -8.06 24.40 -28.07
N LEU B 399 -6.75 24.58 -28.09
CA LEU B 399 -5.93 24.27 -26.93
C LEU B 399 -6.24 25.26 -25.83
N GLU B 400 -6.55 24.75 -24.64
CA GLU B 400 -7.02 25.60 -23.55
C GLU B 400 -6.07 25.71 -22.38
N ILE B 401 -5.33 24.66 -22.05
CA ILE B 401 -4.41 24.70 -20.91
C ILE B 401 -3.14 23.94 -21.26
N ILE B 402 -2.00 24.50 -20.86
CA ILE B 402 -0.71 23.84 -20.93
C ILE B 402 -0.25 23.67 -19.48
N ARG B 403 -0.42 22.46 -18.95
CA ARG B 403 -0.10 22.23 -17.54
C ARG B 403 1.39 22.38 -17.27
N GLY B 404 2.24 22.01 -18.22
CA GLY B 404 3.67 22.14 -18.01
C GLY B 404 4.19 21.37 -16.82
N ARG B 405 3.71 20.14 -16.62
CA ARG B 405 4.28 19.30 -15.58
C ARG B 405 5.62 18.72 -16.01
N THR B 406 5.81 18.52 -17.31
CA THR B 406 7.10 18.19 -17.89
C THR B 406 7.56 19.38 -18.73
N LYS B 407 8.84 19.75 -18.58
CA LYS B 407 9.38 20.92 -19.24
C LYS B 407 10.46 20.53 -20.23
N GLN B 408 10.55 21.29 -21.33
CA GLN B 408 11.67 21.15 -22.25
C GLN B 408 12.89 21.84 -21.66
N HIS B 409 14.01 21.12 -21.61
CA HIS B 409 15.24 21.56 -20.96
C HIS B 409 15.02 21.87 -19.48
N GLY B 410 13.90 21.40 -18.93
CA GLY B 410 13.55 21.67 -17.54
C GLY B 410 13.05 23.07 -17.27
N GLN B 411 12.70 23.85 -18.30
CA GLN B 411 12.37 25.25 -18.07
C GLN B 411 11.20 25.74 -18.91
N PHE B 412 11.12 25.31 -20.17
CA PHE B 412 10.12 25.83 -21.11
C PHE B 412 8.93 24.87 -21.22
N SER B 413 7.73 25.44 -21.18
CA SER B 413 6.51 24.68 -21.44
C SER B 413 5.83 25.05 -22.75
N LEU B 414 6.20 26.19 -23.34
CA LEU B 414 5.69 26.58 -24.66
C LEU B 414 6.84 27.16 -25.46
N ALA B 415 7.22 26.49 -26.54
CA ALA B 415 8.30 26.93 -27.41
C ALA B 415 7.76 27.02 -28.83
N VAL B 416 7.86 28.21 -29.43
CA VAL B 416 7.43 28.46 -30.80
C VAL B 416 8.63 29.04 -31.51
N VAL B 417 9.31 28.23 -32.33
CA VAL B 417 10.63 28.57 -32.83
C VAL B 417 10.67 28.41 -34.35
N SER B 418 11.14 29.45 -35.04
CA SER B 418 11.52 29.40 -36.45
C SER B 418 10.32 29.05 -37.35
N LEU B 419 9.34 29.95 -37.35
CA LEU B 419 8.13 29.79 -38.15
C LEU B 419 7.89 31.04 -38.98
N ASN B 420 7.10 30.88 -40.05
CA ASN B 420 6.62 32.00 -40.84
C ASN B 420 5.21 32.42 -40.48
N ILE B 421 4.66 31.91 -39.35
CA ILE B 421 3.33 32.31 -38.93
C ILE B 421 3.32 33.80 -38.61
N THR B 422 2.27 34.48 -39.05
CA THR B 422 2.13 35.92 -38.80
C THR B 422 1.44 36.21 -37.48
N SER B 423 0.58 35.30 -37.01
CA SER B 423 -0.07 35.41 -35.72
C SER B 423 -0.03 34.06 -35.04
N LEU B 424 -0.07 34.07 -33.70
CA LEU B 424 -0.06 32.82 -32.96
C LEU B 424 -1.37 32.06 -33.13
N GLY B 425 -2.50 32.75 -32.93
CA GLY B 425 -3.79 32.12 -33.13
C GLY B 425 -4.20 31.14 -32.06
N LEU B 426 -3.59 31.22 -30.88
CA LEU B 426 -3.95 30.34 -29.76
C LEU B 426 -5.14 30.96 -29.03
N ARG B 427 -6.31 30.79 -29.65
CA ARG B 427 -7.49 31.56 -29.24
C ARG B 427 -8.03 31.08 -27.90
N SER B 428 -8.10 29.78 -27.68
CA SER B 428 -8.75 29.22 -26.50
C SER B 428 -7.80 29.01 -25.33
N LEU B 429 -6.55 29.45 -25.43
CA LEU B 429 -5.59 29.24 -24.36
C LEU B 429 -5.91 30.16 -23.18
N LYS B 430 -6.10 29.56 -22.00
CA LYS B 430 -6.42 30.33 -20.80
C LYS B 430 -5.42 30.17 -19.66
N GLU B 431 -4.57 29.16 -19.68
CA GLU B 431 -3.62 28.97 -18.59
C GLU B 431 -2.39 28.22 -19.07
N ILE B 432 -1.22 28.70 -18.66
CA ILE B 432 0.03 27.96 -18.74
C ILE B 432 0.46 27.74 -17.30
N SER B 433 0.18 26.56 -16.77
CA SER B 433 0.25 26.33 -15.32
C SER B 433 1.67 26.54 -14.79
N ASP B 434 2.66 25.99 -15.48
CA ASP B 434 4.04 26.14 -15.03
C ASP B 434 4.95 26.13 -16.26
N GLY B 435 6.15 26.65 -16.07
CA GLY B 435 7.13 26.66 -17.14
C GLY B 435 7.17 27.98 -17.88
N ASP B 436 8.34 28.32 -18.41
CA ASP B 436 8.52 29.56 -19.14
C ASP B 436 8.10 29.38 -20.60
N VAL B 437 7.83 30.52 -21.24
CA VAL B 437 7.41 30.57 -22.64
C VAL B 437 8.52 31.23 -23.43
N ILE B 438 8.88 30.62 -24.56
CA ILE B 438 9.83 31.20 -25.51
C ILE B 438 9.17 31.32 -26.87
N ILE B 439 9.32 32.48 -27.49
CA ILE B 439 8.81 32.76 -28.83
C ILE B 439 9.94 33.44 -29.59
N SER B 440 10.64 32.67 -30.44
CA SER B 440 11.87 33.15 -31.03
C SER B 440 12.00 32.64 -32.46
N GLY B 441 12.67 33.42 -33.30
CA GLY B 441 12.97 33.02 -34.65
C GLY B 441 11.83 33.11 -35.64
N ASN B 442 10.65 33.54 -35.20
CA ASN B 442 9.49 33.68 -36.09
C ASN B 442 9.57 35.06 -36.75
N LYS B 443 10.07 35.08 -37.99
CA LYS B 443 10.43 36.35 -38.62
C LYS B 443 9.21 37.19 -38.98
N ASN B 444 8.06 36.55 -39.20
CA ASN B 444 6.86 37.26 -39.63
C ASN B 444 5.83 37.41 -38.51
N LEU B 445 6.19 37.07 -37.28
CA LEU B 445 5.20 37.01 -36.21
C LEU B 445 4.99 38.38 -35.57
N CYS B 446 3.73 38.78 -35.49
CA CYS B 446 3.28 39.92 -34.69
C CYS B 446 2.33 39.39 -33.62
N TYR B 447 1.64 40.33 -32.94
CA TYR B 447 0.59 39.98 -31.98
C TYR B 447 1.10 39.03 -30.90
N ALA B 448 2.30 39.28 -30.40
CA ALA B 448 2.89 38.43 -29.36
C ALA B 448 3.18 39.19 -28.08
N ASN B 449 3.66 40.43 -28.18
CA ASN B 449 3.91 41.24 -26.99
C ASN B 449 2.66 41.92 -26.47
N THR B 450 1.54 41.84 -27.20
CA THR B 450 0.31 42.50 -26.79
C THR B 450 -0.31 41.83 -25.57
N ILE B 451 -0.10 40.53 -25.41
CA ILE B 451 -0.78 39.75 -24.39
C ILE B 451 -0.06 39.91 -23.06
N ASN B 452 -0.83 40.09 -21.99
CA ASN B 452 -0.29 40.05 -20.62
C ASN B 452 -0.12 38.59 -20.24
N TRP B 453 1.03 38.02 -20.59
CA TRP B 453 1.29 36.60 -20.36
C TRP B 453 1.25 36.24 -18.89
N LYS B 454 1.44 37.20 -17.98
CA LYS B 454 1.38 36.90 -16.55
C LYS B 454 -0.01 36.45 -16.14
N LYS B 455 -1.06 36.95 -16.80
CA LYS B 455 -2.41 36.50 -16.50
C LYS B 455 -2.62 35.04 -16.88
N LEU B 456 -1.89 34.57 -17.90
CA LEU B 456 -1.97 33.16 -18.29
C LEU B 456 -1.28 32.25 -17.27
N PHE B 457 -0.18 32.73 -16.68
CA PHE B 457 0.62 31.90 -15.80
C PHE B 457 -0.10 31.62 -14.49
N GLY B 458 0.24 30.49 -13.87
CA GLY B 458 -0.39 30.09 -12.63
C GLY B 458 0.59 29.76 -11.53
N THR B 459 1.88 29.98 -11.78
CA THR B 459 2.93 29.75 -10.80
C THR B 459 3.88 30.93 -10.80
N SER B 460 4.18 31.44 -9.61
CA SER B 460 5.08 32.58 -9.49
C SER B 460 6.47 32.21 -10.01
N GLY B 461 7.11 33.17 -10.69
CA GLY B 461 8.41 32.95 -11.26
C GLY B 461 8.42 32.51 -12.71
N GLN B 462 7.25 32.40 -13.35
CA GLN B 462 7.21 32.03 -14.75
C GLN B 462 7.63 33.20 -15.62
N LYS B 463 8.32 32.91 -16.71
CA LYS B 463 8.99 33.94 -17.51
C LYS B 463 8.55 33.87 -18.97
N THR B 464 8.69 35.00 -19.66
CA THR B 464 8.42 35.12 -21.08
C THR B 464 9.66 35.63 -21.79
N LYS B 465 10.06 34.96 -22.86
CA LYS B 465 11.21 35.36 -23.66
C LYS B 465 10.75 35.42 -25.12
N ILE B 466 10.41 36.62 -25.58
CA ILE B 466 9.98 36.85 -26.95
C ILE B 466 11.11 37.61 -27.65
N ILE B 467 11.80 36.93 -28.57
CA ILE B 467 13.00 37.47 -29.18
C ILE B 467 13.06 37.08 -30.66
N SER B 468 13.83 37.85 -31.42
CA SER B 468 14.14 37.56 -32.82
C SER B 468 12.87 37.30 -33.63
N ASN B 469 11.88 38.15 -33.43
CA ASN B 469 10.65 38.14 -34.20
C ASN B 469 10.50 39.45 -34.95
N ARG B 470 9.39 39.58 -35.69
CA ARG B 470 9.11 40.82 -36.39
C ARG B 470 8.91 41.94 -35.37
N GLY B 471 9.61 43.05 -35.57
CA GLY B 471 9.66 44.08 -34.55
C GLY B 471 8.29 44.68 -34.27
N GLU B 472 8.09 45.07 -33.00
CA GLU B 472 6.82 45.67 -32.60
C GLU B 472 6.57 46.98 -33.34
N ASN B 473 7.60 47.82 -33.48
CA ASN B 473 7.45 49.06 -34.22
C ASN B 473 7.09 48.79 -35.67
N SER B 474 7.75 47.80 -36.28
CA SER B 474 7.40 47.40 -37.64
C SER B 474 5.99 46.85 -37.71
N CYS B 475 5.59 46.05 -36.72
CA CYS B 475 4.24 45.49 -36.72
C CYS B 475 3.19 46.59 -36.63
N LYS B 476 3.48 47.65 -35.88
CA LYS B 476 2.51 48.74 -35.76
C LYS B 476 2.56 49.69 -36.95
N ALA B 477 3.71 49.77 -37.63
CA ALA B 477 3.85 50.73 -38.73
C ALA B 477 2.98 50.35 -39.92
N THR B 478 3.01 49.08 -40.33
CA THR B 478 2.20 48.62 -41.45
C THR B 478 0.86 48.01 -41.00
N GLY B 479 0.43 48.29 -39.77
CA GLY B 479 -0.95 48.08 -39.39
C GLY B 479 -1.29 46.75 -38.76
N GLN B 480 -0.34 46.07 -38.13
CA GLN B 480 -0.60 44.76 -37.54
C GLN B 480 -0.75 44.90 -36.03
N VAL B 481 -1.83 45.58 -35.66
CA VAL B 481 -2.21 45.80 -34.27
C VAL B 481 -3.54 45.09 -34.06
N CYS B 482 -3.86 44.83 -32.79
CA CYS B 482 -5.12 44.18 -32.44
C CYS B 482 -6.31 44.94 -33.01
N HIS B 483 -7.42 44.23 -33.19
CA HIS B 483 -8.66 44.84 -33.63
C HIS B 483 -9.14 45.88 -32.63
N ALA B 484 -9.94 46.83 -33.12
CA ALA B 484 -10.48 47.87 -32.24
C ALA B 484 -11.34 47.27 -31.14
N LEU B 485 -12.05 46.17 -31.43
CA LEU B 485 -12.90 45.54 -30.43
C LEU B 485 -12.10 44.88 -29.31
N CYS B 486 -10.83 44.57 -29.54
CA CYS B 486 -10.03 43.89 -28.53
C CYS B 486 -9.84 44.77 -27.30
N SER B 487 -9.83 44.14 -26.13
CA SER B 487 -9.60 44.83 -24.88
C SER B 487 -8.13 45.22 -24.78
N PRO B 488 -7.78 46.09 -23.83
CA PRO B 488 -6.35 46.38 -23.58
C PRO B 488 -5.52 45.17 -23.16
N GLU B 489 -6.15 44.03 -22.85
CA GLU B 489 -5.38 42.88 -22.38
C GLU B 489 -4.61 42.21 -23.52
N GLY B 490 -5.05 42.36 -24.77
CA GLY B 490 -4.25 41.92 -25.89
C GLY B 490 -5.05 41.14 -26.90
N CYS B 491 -4.33 40.46 -27.79
CA CYS B 491 -4.92 39.70 -28.89
C CYS B 491 -3.96 38.62 -29.34
N TRP B 492 -4.51 37.54 -29.90
CA TRP B 492 -3.71 36.48 -30.50
C TRP B 492 -3.55 36.65 -32.00
N GLY B 493 -4.24 37.63 -32.59
CA GLY B 493 -4.20 37.86 -34.02
C GLY B 493 -4.96 39.10 -34.41
N PRO B 494 -5.08 39.35 -35.72
CA PRO B 494 -5.69 40.61 -36.18
C PRO B 494 -7.21 40.64 -36.12
N GLU B 495 -7.86 39.50 -36.35
CA GLU B 495 -9.30 39.45 -36.50
C GLU B 495 -10.00 39.57 -35.15
N PRO B 496 -11.30 39.91 -35.16
CA PRO B 496 -12.01 40.11 -33.87
C PRO B 496 -12.05 38.88 -32.99
N ARG B 497 -12.14 37.68 -33.57
CA ARG B 497 -12.15 36.46 -32.76
C ARG B 497 -10.84 36.22 -32.03
N ASP B 498 -9.81 37.01 -32.32
CA ASP B 498 -8.48 36.81 -31.75
C ASP B 498 -8.25 37.62 -30.48
N CYS B 499 -9.20 38.42 -30.03
CA CYS B 499 -9.04 39.13 -28.78
C CYS B 499 -9.02 38.15 -27.61
N VAL B 500 -8.46 38.61 -26.49
CA VAL B 500 -8.22 37.74 -25.34
C VAL B 500 -9.32 37.93 -24.31
N SER B 501 -9.62 36.86 -23.58
CA SER B 501 -10.58 36.85 -22.47
C SER B 501 -11.86 37.63 -22.77
N VAL C 1 -16.70 -22.09 49.63
CA VAL C 1 -15.33 -21.72 49.93
C VAL C 1 -14.70 -21.04 48.71
N SER C 2 -15.18 -21.42 47.52
CA SER C 2 -14.74 -20.80 46.28
C SER C 2 -15.86 -20.09 45.53
N ILE C 3 -17.12 -20.43 45.79
CA ILE C 3 -18.26 -19.68 45.27
C ILE C 3 -19.21 -19.40 46.43
N THR C 4 -20.07 -18.42 46.22
CA THR C 4 -21.23 -18.21 47.08
C THR C 4 -22.43 -17.92 46.17
N LYS C 5 -23.51 -17.41 46.75
CA LYS C 5 -24.72 -17.08 46.00
C LYS C 5 -24.95 -15.56 46.07
N CYS C 6 -25.71 -15.06 45.10
CA CYS C 6 -25.85 -13.63 44.86
C CYS C 6 -26.98 -13.04 45.70
N SER C 7 -27.01 -11.71 45.74
CA SER C 7 -27.97 -10.97 46.54
C SER C 7 -29.35 -11.01 45.90
N SER C 8 -30.34 -10.48 46.63
CA SER C 8 -31.70 -10.42 46.11
C SER C 8 -31.83 -9.39 44.99
N ASP C 9 -31.01 -8.34 45.01
CA ASP C 9 -31.08 -7.32 43.98
C ASP C 9 -30.70 -7.88 42.62
N MET C 10 -29.79 -8.86 42.58
CA MET C 10 -29.31 -9.45 41.34
C MET C 10 -30.21 -10.58 40.87
N ASN C 11 -31.51 -10.32 40.81
CA ASN C 11 -32.46 -11.33 40.39
C ASN C 11 -32.39 -11.58 38.90
N GLY C 12 -32.20 -10.53 38.11
CA GLY C 12 -32.26 -10.65 36.66
C GLY C 12 -30.93 -10.51 35.95
N TYR C 13 -29.82 -10.71 36.67
CA TYR C 13 -28.52 -10.68 36.01
C TYR C 13 -28.37 -11.84 35.04
N CYS C 14 -28.78 -13.02 35.46
CA CYS C 14 -28.73 -14.21 34.60
C CYS C 14 -30.08 -14.36 33.92
N LEU C 15 -30.11 -14.08 32.61
CA LEU C 15 -31.36 -14.21 31.86
C LEU C 15 -31.83 -15.66 31.85
N HIS C 16 -30.91 -16.60 31.67
CA HIS C 16 -31.24 -18.03 31.63
C HIS C 16 -30.23 -18.78 32.50
N GLY C 17 -30.25 -18.52 33.80
CA GLY C 17 -29.35 -19.18 34.70
C GLY C 17 -29.45 -18.66 36.11
N GLN C 18 -28.53 -19.12 36.94
CA GLN C 18 -28.47 -18.76 38.35
C GLN C 18 -27.18 -18.01 38.64
N CYS C 19 -27.27 -17.00 39.49
CA CYS C 19 -26.12 -16.14 39.76
C CYS C 19 -25.12 -16.83 40.69
N ILE C 20 -23.84 -16.56 40.47
CA ILE C 20 -22.76 -17.01 41.35
C ILE C 20 -21.96 -15.79 41.78
N TYR C 21 -21.39 -15.88 42.97
CA TYR C 21 -20.38 -14.94 43.44
C TYR C 21 -19.04 -15.66 43.51
N LEU C 22 -18.02 -15.05 42.90
CA LEU C 22 -16.65 -15.55 42.95
C LEU C 22 -15.89 -14.72 43.97
N VAL C 23 -15.32 -15.39 44.97
CA VAL C 23 -14.85 -14.71 46.18
C VAL C 23 -13.46 -14.12 46.02
N ASP C 24 -12.61 -14.76 45.21
CA ASP C 24 -11.24 -14.26 45.09
C ASP C 24 -11.17 -13.01 44.23
N MET C 25 -11.99 -12.93 43.19
CA MET C 25 -12.11 -11.72 42.39
C MET C 25 -13.10 -10.73 42.98
N SER C 26 -13.90 -11.15 43.96
CA SER C 26 -15.00 -10.36 44.49
C SER C 26 -15.93 -9.91 43.37
N GLN C 27 -16.32 -10.86 42.52
CA GLN C 27 -17.12 -10.54 41.35
C GLN C 27 -18.35 -11.44 41.31
N ASN C 28 -19.22 -11.21 40.32
CA ASN C 28 -20.46 -11.94 40.20
C ASN C 28 -20.65 -12.35 38.74
N TYR C 29 -21.11 -13.58 38.54
CA TYR C 29 -21.21 -14.16 37.21
C TYR C 29 -22.46 -15.06 37.17
N CYS C 30 -22.57 -15.86 36.11
CA CYS C 30 -23.76 -16.68 35.89
C CYS C 30 -23.39 -18.14 35.63
N ARG C 31 -24.31 -19.02 36.03
CA ARG C 31 -24.30 -20.45 35.70
C ARG C 31 -25.51 -20.65 34.81
N CYS C 32 -25.27 -20.82 33.53
CA CYS C 32 -26.36 -20.85 32.56
C CYS C 32 -26.97 -22.23 32.49
N GLU C 33 -28.25 -22.25 32.13
CA GLU C 33 -28.95 -23.50 31.87
C GLU C 33 -28.30 -24.20 30.67
N VAL C 34 -28.66 -25.47 30.48
CA VAL C 34 -28.15 -26.22 29.34
C VAL C 34 -28.66 -25.60 28.05
N GLY C 35 -27.75 -25.30 27.12
CA GLY C 35 -28.12 -24.76 25.84
C GLY C 35 -28.11 -23.24 25.74
N TYR C 36 -27.58 -22.54 26.74
CA TYR C 36 -27.52 -21.09 26.72
C TYR C 36 -26.11 -20.66 27.11
N THR C 37 -25.55 -19.70 26.36
CA THR C 37 -24.18 -19.26 26.55
C THR C 37 -24.15 -17.75 26.72
N GLY C 38 -22.95 -17.22 26.97
CA GLY C 38 -22.77 -15.81 27.25
C GLY C 38 -22.62 -15.55 28.74
N VAL C 39 -22.03 -14.40 29.06
CA VAL C 39 -21.75 -14.07 30.46
C VAL C 39 -23.05 -13.96 31.26
N ARG C 40 -24.13 -13.52 30.64
CA ARG C 40 -25.42 -13.39 31.29
C ARG C 40 -26.45 -14.40 30.78
N CYS C 41 -25.98 -15.54 30.26
CA CYS C 41 -26.86 -16.57 29.70
C CYS C 41 -27.73 -15.97 28.60
N GLU C 42 -27.05 -15.36 27.63
CA GLU C 42 -27.66 -14.45 26.68
C GLU C 42 -28.34 -15.20 25.54
N HIS C 43 -27.53 -15.82 24.69
CA HIS C 43 -27.99 -16.43 23.46
C HIS C 43 -28.09 -17.94 23.60
N PHE C 44 -28.95 -18.54 22.79
CA PHE C 44 -29.07 -19.99 22.72
C PHE C 44 -27.98 -20.56 21.82
N PHE C 45 -27.40 -21.67 22.27
CA PHE C 45 -26.20 -22.23 21.68
C PHE C 45 -26.57 -23.58 21.06
N LEU C 46 -25.78 -24.01 20.05
CA LEU C 46 -26.31 -24.89 19.00
C LEU C 46 -26.97 -26.16 19.56
N THR C 47 -26.33 -26.83 20.52
CA THR C 47 -26.94 -28.02 21.11
C THR C 47 -26.69 -28.10 22.62
N VAL D 1 43.97 9.79 -36.86
CA VAL D 1 42.65 10.41 -36.95
C VAL D 1 41.59 9.47 -36.39
N SER D 2 40.85 9.96 -35.39
CA SER D 2 39.80 9.18 -34.74
C SER D 2 38.40 9.66 -35.08
N ILE D 3 38.24 10.90 -35.54
CA ILE D 3 36.94 11.43 -35.97
C ILE D 3 37.04 11.80 -37.43
N THR D 4 36.12 11.28 -38.24
CA THR D 4 36.16 11.45 -39.69
C THR D 4 34.80 11.93 -40.15
N LYS D 5 34.63 12.08 -41.47
CA LYS D 5 33.34 12.43 -42.05
C LYS D 5 32.55 11.17 -42.34
N CYS D 6 31.22 11.25 -42.16
CA CYS D 6 30.36 10.11 -42.42
C CYS D 6 30.20 9.89 -43.92
N SER D 7 29.81 8.67 -44.28
CA SER D 7 29.53 8.34 -45.66
C SER D 7 28.31 9.12 -46.15
N SER D 8 28.12 9.11 -47.47
CA SER D 8 26.98 9.82 -48.05
C SER D 8 25.65 9.17 -47.72
N ASP D 9 25.64 7.89 -47.39
CA ASP D 9 24.34 7.35 -46.99
C ASP D 9 23.82 7.92 -45.64
N MET D 10 24.45 8.97 -45.10
CA MET D 10 24.09 9.58 -43.83
C MET D 10 23.93 11.09 -43.95
N ASN D 11 23.45 11.59 -45.10
CA ASN D 11 23.30 13.05 -45.24
C ASN D 11 22.34 13.61 -44.21
N GLY D 12 21.11 13.07 -44.16
CA GLY D 12 20.06 13.66 -43.37
C GLY D 12 20.00 13.25 -41.91
N TYR D 13 21.02 12.59 -41.38
CA TYR D 13 20.96 12.14 -40.00
C TYR D 13 20.95 13.32 -39.02
N CYS D 14 21.85 14.28 -39.22
CA CYS D 14 21.92 15.44 -38.34
C CYS D 14 20.94 16.49 -38.85
N LEU D 15 19.89 16.74 -38.06
CA LEU D 15 18.85 17.67 -38.47
C LEU D 15 19.35 19.11 -38.47
N HIS D 16 20.07 19.51 -37.43
CA HIS D 16 20.67 20.84 -37.35
C HIS D 16 22.15 20.72 -36.99
N GLY D 17 22.88 19.93 -37.76
CA GLY D 17 24.28 19.72 -37.47
C GLY D 17 25.01 19.10 -38.63
N GLN D 18 26.28 18.77 -38.39
CA GLN D 18 27.10 18.07 -39.36
C GLN D 18 27.35 16.65 -38.86
N CYS D 19 27.51 15.70 -39.79
CA CYS D 19 27.72 14.32 -39.38
C CYS D 19 29.20 14.07 -39.14
N ILE D 20 29.51 13.37 -38.04
CA ILE D 20 30.86 12.97 -37.70
C ILE D 20 30.86 11.47 -37.42
N TYR D 21 31.95 10.82 -37.78
CA TYR D 21 32.13 9.37 -37.60
C TYR D 21 33.19 9.13 -36.54
N LEU D 22 32.81 8.45 -35.47
CA LEU D 22 33.70 8.07 -34.39
C LEU D 22 34.21 6.66 -34.69
N VAL D 23 35.51 6.58 -34.98
CA VAL D 23 36.12 5.32 -35.43
C VAL D 23 36.33 4.38 -34.25
N ASP D 24 36.68 4.93 -33.08
CA ASP D 24 36.91 4.12 -31.90
C ASP D 24 35.66 3.32 -31.52
N MET D 25 34.49 3.88 -31.77
CA MET D 25 33.22 3.21 -31.52
C MET D 25 32.51 2.77 -32.78
N SER D 26 33.03 3.13 -33.96
CA SER D 26 32.43 2.74 -35.24
C SER D 26 30.99 3.21 -35.35
N GLN D 27 30.73 4.45 -34.92
CA GLN D 27 29.37 4.96 -34.89
C GLN D 27 29.31 6.36 -35.48
N ASN D 28 28.12 6.73 -35.97
CA ASN D 28 27.90 8.05 -36.55
C ASN D 28 27.14 8.91 -35.55
N TYR D 29 27.76 10.01 -35.15
CA TYR D 29 27.13 11.02 -34.31
C TYR D 29 27.12 12.35 -35.06
N CYS D 30 26.81 13.43 -34.35
CA CYS D 30 26.72 14.74 -34.96
C CYS D 30 27.53 15.76 -34.16
N ARG D 31 28.03 16.76 -34.87
CA ARG D 31 28.42 18.01 -34.24
C ARG D 31 27.32 19.01 -34.55
N CYS D 32 26.58 19.41 -33.52
CA CYS D 32 25.46 20.32 -33.70
C CYS D 32 25.94 21.74 -33.90
N GLU D 33 25.17 22.51 -34.66
CA GLU D 33 25.39 23.94 -34.72
C GLU D 33 25.06 24.59 -33.38
N VAL D 34 25.46 25.85 -33.22
CA VAL D 34 25.19 26.54 -31.97
C VAL D 34 23.69 26.74 -31.79
N GLY D 35 23.25 26.66 -30.54
CA GLY D 35 21.85 26.81 -30.22
C GLY D 35 20.99 25.59 -30.45
N TYR D 36 21.59 24.43 -30.71
CA TYR D 36 20.85 23.20 -30.96
C TYR D 36 21.47 22.05 -30.18
N THR D 37 20.61 21.23 -29.57
CA THR D 37 21.02 20.09 -28.76
C THR D 37 20.36 18.83 -29.29
N GLY D 38 20.67 17.71 -28.64
CA GLY D 38 20.15 16.42 -29.04
C GLY D 38 21.14 15.62 -29.85
N VAL D 39 20.97 14.30 -29.84
CA VAL D 39 21.89 13.40 -30.54
C VAL D 39 21.90 13.71 -32.03
N ARG D 40 20.71 13.81 -32.62
CA ARG D 40 20.58 14.19 -34.02
C ARG D 40 20.37 15.69 -34.21
N CYS D 41 20.73 16.49 -33.21
CA CYS D 41 20.54 17.94 -33.23
C CYS D 41 19.06 18.30 -33.44
N GLU D 42 18.19 17.63 -32.68
CA GLU D 42 16.76 17.81 -32.89
C GLU D 42 16.31 19.16 -32.36
N HIS D 43 16.61 19.45 -31.10
CA HIS D 43 15.95 20.49 -30.35
C HIS D 43 16.72 21.80 -30.36
N PHE D 44 16.03 22.85 -29.93
CA PHE D 44 16.54 24.21 -29.87
C PHE D 44 16.64 24.63 -28.41
N PHE D 45 17.82 25.05 -27.98
CA PHE D 45 18.02 25.52 -26.62
C PHE D 45 18.53 26.96 -26.63
N LEU D 46 18.08 27.74 -25.66
CA LEU D 46 18.48 29.14 -25.55
C LEU D 46 19.88 29.22 -24.94
N THR D 47 20.82 29.75 -25.71
CA THR D 47 22.20 29.86 -25.25
C THR D 47 22.36 30.93 -24.17
C1 NAG E . -25.90 0.66 26.38
C2 NAG E . -25.22 1.97 26.71
C3 NAG E . -23.72 1.76 26.76
C4 NAG E . -23.38 0.65 27.76
C5 NAG E . -24.22 -0.60 27.54
C6 NAG E . -24.13 -1.58 28.68
C7 NAG E . -26.59 3.86 25.98
C8 NAG E . -26.83 4.88 24.91
N2 NAG E . -25.58 3.00 25.77
O3 NAG E . -23.07 2.97 27.11
O4 NAG E . -22.01 0.31 27.64
O5 NAG E . -25.62 -0.29 27.40
O6 NAG E . -24.76 -1.07 29.85
O7 NAG E . -27.27 3.81 27.00
C1 BMA E . -21.03 0.93 28.57
C2 BMA E . -20.74 1.66 29.87
C3 BMA E . -19.29 1.48 30.28
C4 BMA E . -18.91 0.01 30.30
C5 BMA E . -19.28 -0.65 28.97
C6 BMA E . -19.02 -2.15 28.99
O2 BMA E . -21.58 1.12 30.90
O3 BMA E . -19.11 2.01 31.60
O4 BMA E . -17.50 -0.11 30.52
O5 BMA E . -20.67 -0.44 28.76
O6 BMA E . -20.06 -2.83 29.69
C1 NAG F . -31.08 -2.09 24.96
C2 NAG F . -29.98 -2.87 25.66
C3 NAG F . -28.99 -1.91 26.31
C4 NAG F . -28.51 -0.87 25.31
C5 NAG F . -29.66 -0.25 24.52
C6 NAG F . -29.18 0.56 23.34
C7 NAG F . -29.85 -4.79 27.19
C8 NAG F . -30.57 -5.62 28.20
N2 NAG F . -30.54 -3.78 26.67
O3 NAG F . -27.87 -2.65 26.78
O4 NAG F . -27.82 0.17 25.99
O5 NAG F . -30.51 -1.26 23.99
O6 NAG F . -28.30 -0.18 22.52
O7 NAG F . -28.69 -5.03 26.87
C1 MAN G . -17.64 -1.99 31.26
C2 MAN G . -18.25 -3.08 32.14
C3 MAN G . -17.27 -3.48 33.25
C4 MAN G . -15.88 -3.78 32.68
C5 MAN G . -15.38 -2.62 31.81
C6 MAN G . -14.07 -2.92 31.11
O2 MAN G . -18.47 -4.29 31.39
O3 MAN G . -17.75 -4.59 33.99
O4 MAN G . -14.96 -3.99 33.75
O5 MAN G . -16.36 -2.32 30.79
O6 MAN G . -13.05 -3.04 32.10
C1 NAG H . 27.48 28.44 -10.50
C2 NAG H . 27.62 29.67 -11.37
C3 NAG H . 28.50 30.70 -10.68
C4 NAG H . 27.91 31.03 -9.32
C5 NAG H . 27.66 29.77 -8.50
C6 NAG H . 26.90 30.05 -7.22
C7 NAG H . 27.37 29.22 -13.77
C8 NAG H . 28.07 28.87 -15.05
N2 NAG H . 28.15 29.33 -12.69
O3 NAG H . 28.59 31.87 -11.49
O4 NAG H . 28.80 31.89 -8.61
O5 NAG H . 26.89 28.82 -9.25
O6 NAG H . 26.02 28.98 -6.89
O7 NAG H . 26.16 29.40 -13.72
C1 NAG I . 24.14 -6.93 -20.71
C2 NAG I . 23.44 -7.07 -22.05
C3 NAG I . 22.04 -6.45 -21.98
C4 NAG I . 21.25 -7.05 -20.83
C5 NAG I . 22.04 -6.94 -19.53
C6 NAG I . 21.38 -7.62 -18.36
C7 NAG I . 24.15 -6.84 -24.39
C8 NAG I . 25.03 -6.10 -25.35
N2 NAG I . 24.21 -6.45 -23.11
O3 NAG I . 21.36 -6.67 -23.21
O4 NAG I . 20.01 -6.37 -20.69
O5 NAG I . 23.34 -7.54 -19.69
O6 NAG I . 20.13 -7.02 -18.05
O7 NAG I . 23.41 -7.75 -24.76
C1 NAG J . 7.87 9.32 -36.34
C2 NAG J . 9.28 8.90 -35.97
C3 NAG J . 9.45 7.39 -36.09
C4 NAG J . 8.36 6.67 -35.31
C5 NAG J . 6.98 7.20 -35.67
C6 NAG J . 5.89 6.64 -34.76
C7 NAG J . 10.68 10.84 -36.55
C8 NAG J . 11.69 11.40 -37.50
N2 NAG J . 10.27 9.60 -36.79
O3 NAG J . 10.72 7.01 -35.60
O4 NAG J . 8.40 5.27 -35.62
O5 NAG J . 6.94 8.63 -35.52
O6 NAG J . 6.31 6.63 -33.41
O7 NAG J . 10.26 11.49 -35.60
C1 NAG K . 10.14 4.40 -33.21
C2 NAG K . 9.79 2.92 -33.14
C3 NAG K . 10.61 2.22 -32.08
C4 NAG K . 12.10 2.50 -32.28
C5 NAG K . 12.35 3.99 -32.41
C6 NAG K . 13.77 4.32 -32.78
C7 NAG K . 7.45 2.67 -33.88
C8 NAG K . 6.03 2.48 -33.45
N2 NAG K . 8.36 2.73 -32.90
O3 NAG K . 10.36 0.82 -32.12
O4 NAG K . 12.83 2.01 -31.16
O5 NAG K . 11.53 4.54 -33.46
O6 NAG K . 14.13 3.76 -34.04
O7 NAG K . 7.76 2.77 -35.06
C1 BMA L . 15.89 1.51 -31.78
C2 BMA L . 16.79 1.78 -30.57
C3 BMA L . 17.13 0.46 -29.88
C4 BMA L . 15.86 -0.37 -29.59
C5 BMA L . 14.99 -0.51 -30.86
C6 BMA L . 13.66 -1.20 -30.59
O2 BMA L . 16.13 2.58 -29.61
O3 BMA L . 17.87 0.67 -28.68
O4 BMA L . 16.22 -1.66 -29.12
O5 BMA L . 14.72 0.80 -31.39
O6 BMA L . 12.80 -0.97 -31.70
C1 MAN M . 20.07 1.39 -32.01
C2 MAN M . 21.01 0.23 -32.42
C3 MAN M . 21.56 -0.48 -31.19
C4 MAN M . 22.13 0.52 -30.17
C5 MAN M . 21.03 1.52 -29.79
C6 MAN M . 21.49 2.57 -28.80
O2 MAN M . 22.13 0.71 -33.14
O3 MAN M . 22.55 -1.44 -31.53
O4 MAN M . 22.57 -0.16 -29.01
O5 MAN M . 20.60 2.21 -30.99
O6 MAN M . 22.41 3.44 -29.47
#